data_6B9G
#
_entry.id   6B9G
#
_cell.length_a   308.032
_cell.length_b   308.032
_cell.length_c   308.032
_cell.angle_alpha   90.00
_cell.angle_beta   90.00
_cell.angle_gamma   90.00
#
_symmetry.space_group_name_H-M   'F 2 3'
#
loop_
_entity.id
_entity.type
_entity.pdbx_description
1 polymer Atlastin-1
2 non-polymer "GUANOSINE-5'-DIPHOSPHATE"
3 non-polymer 'MAGNESIUM ION'
4 water water
#
_entity_poly.entity_id   1
_entity_poly.type   'polypeptide(L)'
_entity_poly.pdbx_seq_one_letter_code
;SMAKNRRDRNSWGGFSEKTYEWSSEEEEPVKKAGPVQVLIVKDDHSFELDETALNRILLSEAVRDKEVVAVSVAGAFRKG
KSFLMDFMLRYMYNQESVDWVGDYNEPLTGFSWRGGSERETTGIQIWSEIFLINKPDGKKVAVLLMDTQGTFDSQSTLRD
SATVFALSTMISSIQVYNLSQNVQEDDLQHLQLFTEYGRLAMEETFLKPFQSLIFLVRDWSFPYEFSYGADGGAKFLEKR
LKVSGNQHEELQNVRKHIHSCFTNISCFLLPHPGLKVATNPNFDGKLKEIDDEFIKNLKILIPWLLSPESLDIKEINGNK
ITCRGLVEYFKAYIKIYQGE
;
_entity_poly.pdbx_strand_id   B,C,D,A
#
loop_
_chem_comp.id
_chem_comp.type
_chem_comp.name
_chem_comp.formula
GDP RNA linking GUANOSINE-5'-DIPHOSPHATE 'C10 H15 N5 O11 P2'
MG non-polymer 'MAGNESIUM ION' 'Mg 2'
#
# COMPACT_ATOMS: atom_id res chain seq x y z
N LYS A 32 52.07 -3.18 -4.41
CA LYS A 32 51.62 -1.90 -4.95
C LYS A 32 50.26 -2.03 -5.62
N ALA A 33 49.20 -1.74 -4.88
CA ALA A 33 47.85 -1.79 -5.39
C ALA A 33 47.40 -0.41 -5.87
N GLY A 34 46.44 -0.41 -6.79
CA GLY A 34 45.93 0.81 -7.34
C GLY A 34 44.66 0.61 -8.16
N PRO A 35 44.08 1.70 -8.64
CA PRO A 35 42.86 1.60 -9.46
C PRO A 35 43.19 1.15 -10.88
N VAL A 36 42.32 0.31 -11.43
CA VAL A 36 42.49 -0.26 -12.77
C VAL A 36 41.26 0.11 -13.59
N GLN A 37 41.50 0.77 -14.73
CA GLN A 37 40.42 1.12 -15.66
C GLN A 37 39.95 -0.13 -16.38
N VAL A 38 38.73 -0.57 -16.07
CA VAL A 38 38.17 -1.80 -16.61
C VAL A 38 37.21 -1.53 -17.75
N LEU A 39 36.42 -0.46 -17.66
CA LEU A 39 35.47 -0.07 -18.68
C LEU A 39 35.69 1.40 -19.05
N ILE A 40 35.66 1.68 -20.35
CA ILE A 40 35.85 3.05 -20.85
C ILE A 40 35.01 3.22 -22.11
N VAL A 41 34.68 4.47 -22.41
CA VAL A 41 33.90 4.82 -23.60
C VAL A 41 34.83 5.53 -24.58
N LYS A 42 35.12 4.88 -25.69
CA LYS A 42 35.98 5.47 -26.70
C LYS A 42 35.28 6.65 -27.38
N ASP A 43 36.07 7.44 -28.10
CA ASP A 43 35.54 8.64 -28.75
C ASP A 43 34.52 8.30 -29.83
N ASP A 44 34.56 7.09 -30.37
CA ASP A 44 33.56 6.62 -31.33
C ASP A 44 32.24 6.23 -30.65
N HIS A 45 32.12 6.47 -29.35
CA HIS A 45 30.95 6.07 -28.56
C HIS A 45 30.75 4.57 -28.57
N SER A 46 31.85 3.82 -28.66
CA SER A 46 31.85 2.39 -28.45
C SER A 46 32.37 2.07 -27.06
N PHE A 47 32.12 0.84 -26.62
CA PHE A 47 32.43 0.42 -25.25
C PHE A 47 33.52 -0.63 -25.28
N GLU A 48 34.64 -0.33 -24.64
CA GLU A 48 35.78 -1.23 -24.55
C GLU A 48 35.92 -1.75 -23.12
N LEU A 49 35.99 -3.07 -22.98
CA LEU A 49 36.20 -3.73 -21.69
C LEU A 49 37.60 -4.33 -21.69
N ASP A 50 38.46 -3.83 -20.80
CA ASP A 50 39.80 -4.38 -20.67
C ASP A 50 39.73 -5.78 -20.08
N GLU A 51 39.56 -6.79 -20.94
CA GLU A 51 39.42 -8.16 -20.44
C GLU A 51 40.69 -8.67 -19.80
N THR A 52 41.86 -8.25 -20.30
CA THR A 52 43.12 -8.70 -19.72
C THR A 52 43.28 -8.19 -18.29
N ALA A 53 42.86 -6.95 -18.03
CA ALA A 53 42.95 -6.42 -16.68
C ALA A 53 41.90 -7.05 -15.78
N LEU A 54 40.69 -7.28 -16.30
CA LEU A 54 39.66 -7.97 -15.53
C LEU A 54 40.14 -9.35 -15.08
N ASN A 55 40.69 -10.12 -16.01
CA ASN A 55 41.16 -11.47 -15.68
C ASN A 55 42.33 -11.43 -14.72
N ARG A 56 43.21 -10.44 -14.85
CA ARG A 56 44.38 -10.35 -13.99
C ARG A 56 43.99 -10.16 -12.53
N ILE A 57 42.84 -9.55 -12.28
CA ILE A 57 42.41 -9.21 -10.93
C ILE A 57 41.48 -10.26 -10.35
N LEU A 58 40.43 -10.62 -11.08
CA LEU A 58 39.37 -11.45 -10.53
C LEU A 58 39.51 -12.94 -10.85
N LEU A 59 40.41 -13.32 -11.75
CA LEU A 59 40.56 -14.72 -12.14
C LEU A 59 41.81 -15.35 -11.53
N SER A 60 42.50 -14.67 -10.64
CA SER A 60 43.63 -15.27 -9.94
C SER A 60 43.17 -16.46 -9.13
N GLU A 61 44.04 -17.47 -9.04
CA GLU A 61 43.66 -18.73 -8.40
C GLU A 61 43.22 -18.54 -6.95
N ALA A 62 43.71 -17.49 -6.29
CA ALA A 62 43.39 -17.26 -4.89
C ALA A 62 41.98 -16.73 -4.65
N VAL A 63 41.26 -16.34 -5.70
CA VAL A 63 40.01 -15.62 -5.51
C VAL A 63 39.00 -15.96 -6.60
N ARG A 64 39.43 -16.67 -7.63
CA ARG A 64 38.57 -16.88 -8.80
C ARG A 64 37.33 -17.70 -8.47
N ASP A 65 37.41 -18.60 -7.48
CA ASP A 65 36.31 -19.51 -7.16
C ASP A 65 35.57 -19.12 -5.90
N LYS A 66 35.68 -17.86 -5.47
CA LYS A 66 35.07 -17.41 -4.23
C LYS A 66 33.90 -16.47 -4.52
N GLU A 67 32.82 -16.64 -3.75
CA GLU A 67 31.65 -15.79 -3.92
C GLU A 67 32.00 -14.33 -3.64
N VAL A 68 31.51 -13.45 -4.51
CA VAL A 68 31.99 -12.08 -4.59
C VAL A 68 30.92 -11.12 -4.06
N VAL A 69 31.38 -10.07 -3.39
CA VAL A 69 30.56 -8.91 -3.03
C VAL A 69 31.15 -7.72 -3.78
N ALA A 70 30.33 -7.05 -4.58
CA ALA A 70 30.77 -5.95 -5.43
C ALA A 70 30.08 -4.67 -4.99
N VAL A 71 30.86 -3.73 -4.46
CA VAL A 71 30.34 -2.45 -3.99
C VAL A 71 30.81 -1.36 -4.94
N SER A 72 29.86 -0.61 -5.49
CA SER A 72 30.13 0.42 -6.48
C SER A 72 29.71 1.78 -5.94
N VAL A 73 30.56 2.79 -6.17
CA VAL A 73 30.22 4.18 -5.90
C VAL A 73 30.08 4.86 -7.25
N ALA A 74 28.85 5.24 -7.60
CA ALA A 74 28.52 5.78 -8.92
C ALA A 74 28.03 7.22 -8.79
N GLY A 75 28.51 8.07 -9.67
CA GLY A 75 28.09 9.46 -9.66
C GLY A 75 28.87 10.27 -10.67
N ALA A 76 28.56 11.56 -10.71
CA ALA A 76 29.19 12.45 -11.66
C ALA A 76 30.63 12.77 -11.24
N PHE A 77 31.39 13.32 -12.18
CA PHE A 77 32.76 13.70 -11.93
C PHE A 77 32.84 14.83 -10.89
N ARG A 78 33.86 14.75 -10.03
CA ARG A 78 34.12 15.77 -9.01
C ARG A 78 32.98 15.88 -8.00
N LYS A 79 32.48 14.73 -7.54
CA LYS A 79 31.40 14.69 -6.57
C LYS A 79 31.79 14.01 -5.27
N GLY A 80 33.08 13.77 -5.05
CA GLY A 80 33.54 13.19 -3.80
C GLY A 80 33.70 11.68 -3.80
N LYS A 81 33.78 11.05 -4.97
CA LYS A 81 33.84 9.59 -5.02
C LYS A 81 35.21 9.06 -4.59
N SER A 82 36.28 9.57 -5.20
CA SER A 82 37.61 9.11 -4.87
C SER A 82 37.94 9.36 -3.40
N PHE A 83 37.58 10.55 -2.89
CA PHE A 83 37.83 10.85 -1.48
C PHE A 83 37.12 9.86 -0.57
N LEU A 84 35.92 9.44 -0.94
CA LEU A 84 35.18 8.47 -0.13
C LEU A 84 35.81 7.08 -0.20
N MET A 85 36.18 6.64 -1.40
CA MET A 85 36.70 5.29 -1.56
C MET A 85 38.09 5.12 -0.94
N ASP A 86 38.84 6.21 -0.76
CA ASP A 86 40.09 6.10 -0.02
C ASP A 86 39.85 5.72 1.42
N PHE A 87 38.71 6.14 1.99
CA PHE A 87 38.37 5.72 3.35
C PHE A 87 37.80 4.31 3.39
N MET A 88 37.11 3.87 2.33
CA MET A 88 36.72 2.47 2.26
C MET A 88 37.93 1.56 2.23
N LEU A 89 38.99 1.99 1.52
CA LEU A 89 40.22 1.22 1.52
C LEU A 89 40.86 1.19 2.89
N ARG A 90 40.83 2.31 3.62
CA ARG A 90 41.36 2.33 4.97
C ARG A 90 40.64 1.34 5.87
N TYR A 91 39.32 1.19 5.67
CA TYR A 91 38.58 0.20 6.45
C TYR A 91 38.93 -1.22 6.01
N MET A 92 39.01 -1.46 4.71
CA MET A 92 39.26 -2.81 4.21
C MET A 92 40.67 -3.27 4.58
N TYR A 93 41.63 -2.35 4.65
CA TYR A 93 43.00 -2.70 5.02
C TYR A 93 43.23 -2.71 6.52
N ASN A 94 42.29 -2.18 7.31
CA ASN A 94 42.43 -2.11 8.76
C ASN A 94 41.10 -2.42 9.44
N GLN A 95 40.45 -3.51 9.01
CA GLN A 95 39.15 -3.86 9.59
C GLN A 95 39.28 -4.21 11.06
N GLU A 96 40.38 -4.85 11.45
CA GLU A 96 40.60 -5.26 12.83
C GLU A 96 41.18 -4.14 13.70
N SER A 97 41.17 -2.90 13.22
CA SER A 97 41.66 -1.76 13.97
C SER A 97 40.47 -0.86 14.35
N VAL A 98 40.46 -0.42 15.60
CA VAL A 98 39.36 0.42 16.08
C VAL A 98 39.40 1.79 15.40
N ASP A 99 40.58 2.39 15.34
CA ASP A 99 40.76 3.70 14.70
C ASP A 99 41.34 3.54 13.30
N TRP A 100 40.64 2.75 12.49
CA TRP A 100 41.06 2.50 11.11
C TRP A 100 41.12 3.77 10.28
N VAL A 101 40.40 4.82 10.68
CA VAL A 101 40.36 6.05 9.90
C VAL A 101 41.73 6.72 9.88
N GLY A 102 42.52 6.54 10.94
CA GLY A 102 43.88 7.06 10.99
C GLY A 102 44.10 7.92 12.21
N ASP A 103 45.33 8.44 12.30
CA ASP A 103 45.70 9.31 13.41
C ASP A 103 45.06 10.69 13.24
N TYR A 104 44.46 11.18 14.32
CA TYR A 104 43.77 12.46 14.27
C TYR A 104 44.73 13.62 13.99
N ASN A 105 46.00 13.47 14.37
CA ASN A 105 46.99 14.53 14.27
C ASN A 105 47.92 14.37 13.07
N GLU A 106 47.70 13.38 12.22
CA GLU A 106 48.56 13.11 11.09
C GLU A 106 47.77 13.12 9.79
N PRO A 107 48.43 13.38 8.65
CA PRO A 107 47.72 13.35 7.36
C PRO A 107 47.16 11.98 7.02
N LEU A 108 46.46 11.88 5.90
CA LEU A 108 45.85 10.62 5.52
C LEU A 108 46.91 9.66 5.00
N THR A 109 46.76 8.38 5.34
CA THR A 109 47.75 7.36 5.03
C THR A 109 47.07 6.18 4.36
N GLY A 110 47.75 5.60 3.36
CA GLY A 110 47.28 4.45 2.65
C GLY A 110 47.23 4.69 1.16
N PHE A 111 46.80 3.67 0.43
CA PHE A 111 46.67 3.80 -1.01
C PHE A 111 45.52 4.75 -1.34
N SER A 112 45.45 5.16 -2.60
CA SER A 112 44.50 6.19 -3.00
C SER A 112 44.01 5.96 -4.42
N TRP A 113 42.74 6.27 -4.66
CA TRP A 113 42.22 6.33 -6.02
C TRP A 113 42.62 7.62 -6.72
N ARG A 114 42.87 8.69 -5.96
CA ARG A 114 43.12 10.00 -6.50
C ARG A 114 44.50 10.08 -7.17
N GLY A 115 44.68 9.33 -8.26
CA GLY A 115 45.94 9.33 -8.98
C GLY A 115 46.19 10.62 -9.73
N ARG A 119 41.84 13.01 -14.71
CA ARG A 119 41.19 12.70 -15.97
C ARG A 119 39.69 12.43 -15.77
N GLU A 120 38.87 13.12 -16.55
CA GLU A 120 37.42 12.96 -16.50
C GLU A 120 37.03 11.88 -17.50
N THR A 121 37.23 10.63 -17.09
CA THR A 121 36.98 9.48 -17.94
C THR A 121 35.66 8.83 -17.53
N THR A 122 34.73 8.72 -18.48
CA THR A 122 33.47 8.03 -18.26
C THR A 122 33.70 6.53 -18.34
N GLY A 123 33.45 5.81 -17.25
CA GLY A 123 33.64 4.38 -17.26
C GLY A 123 33.58 3.81 -15.85
N ILE A 124 34.22 2.66 -15.67
CA ILE A 124 34.26 1.96 -14.40
C ILE A 124 35.71 1.62 -14.07
N GLN A 125 36.12 1.90 -12.83
CA GLN A 125 37.41 1.48 -12.31
C GLN A 125 37.19 0.52 -11.15
N ILE A 126 38.07 -0.48 -11.03
CA ILE A 126 38.03 -1.41 -9.91
C ILE A 126 39.38 -1.38 -9.23
N TRP A 127 39.37 -1.76 -7.95
CA TRP A 127 40.61 -1.82 -7.19
C TRP A 127 41.37 -3.09 -7.54
N SER A 128 42.69 -2.97 -7.65
CA SER A 128 43.50 -4.08 -8.16
C SER A 128 43.57 -5.23 -7.18
N GLU A 129 43.48 -4.94 -5.88
CA GLU A 129 43.52 -5.98 -4.85
C GLU A 129 42.11 -6.34 -4.44
N ILE A 130 41.80 -7.64 -4.49
CA ILE A 130 40.50 -8.14 -4.06
C ILE A 130 40.64 -8.59 -2.61
N PHE A 131 39.72 -8.14 -1.77
CA PHE A 131 39.79 -8.41 -0.34
C PHE A 131 39.08 -9.72 -0.03
N LEU A 132 39.74 -10.57 0.73
CA LEU A 132 39.18 -11.84 1.20
C LEU A 132 38.71 -11.65 2.63
N ILE A 133 37.40 -11.65 2.83
CA ILE A 133 36.80 -11.42 4.14
C ILE A 133 36.26 -12.73 4.66
N ASN A 134 36.69 -13.12 5.85
CA ASN A 134 36.11 -14.27 6.53
C ASN A 134 34.78 -13.85 7.15
N LYS A 135 33.70 -14.45 6.69
CA LYS A 135 32.37 -14.17 7.22
C LYS A 135 32.28 -14.76 8.63
N PRO A 136 31.20 -14.44 9.37
CA PRO A 136 30.95 -15.10 10.65
C PRO A 136 30.92 -16.62 10.51
N ASP A 137 30.71 -17.09 9.28
CA ASP A 137 30.76 -18.51 8.98
C ASP A 137 32.21 -18.97 8.85
N GLY A 138 32.44 -20.04 8.10
CA GLY A 138 33.79 -20.52 7.90
C GLY A 138 34.26 -20.54 6.47
N LYS A 139 33.71 -19.64 5.65
CA LYS A 139 34.05 -19.53 4.25
C LYS A 139 34.47 -18.12 3.90
N LYS A 140 35.50 -18.00 3.06
CA LYS A 140 36.06 -16.71 2.66
C LYS A 140 35.27 -16.11 1.50
N VAL A 141 34.94 -14.83 1.61
CA VAL A 141 34.18 -14.11 0.60
C VAL A 141 35.07 -13.03 0.00
N ALA A 142 34.85 -12.76 -1.29
CA ALA A 142 35.63 -11.76 -2.02
C ALA A 142 34.88 -10.44 -2.10
N VAL A 143 35.61 -9.35 -1.88
CA VAL A 143 35.05 -8.00 -1.92
C VAL A 143 35.69 -7.25 -3.08
N LEU A 144 34.86 -6.78 -4.01
CA LEU A 144 35.30 -5.99 -5.15
C LEU A 144 34.77 -4.56 -5.00
N LEU A 145 35.64 -3.58 -5.27
CA LEU A 145 35.29 -2.17 -5.14
C LEU A 145 35.29 -1.52 -6.52
N MET A 146 34.22 -0.81 -6.84
CA MET A 146 34.04 -0.20 -8.15
C MET A 146 33.84 1.30 -8.03
N ASP A 147 34.38 2.03 -8.99
CA ASP A 147 34.20 3.48 -9.10
C ASP A 147 33.59 3.76 -10.47
N THR A 148 32.32 4.14 -10.49
CA THR A 148 31.59 4.40 -11.73
C THR A 148 31.42 5.90 -11.91
N GLN A 149 31.77 6.40 -13.09
CA GLN A 149 31.81 7.84 -13.34
C GLN A 149 31.20 8.15 -14.69
N GLY A 150 30.37 9.19 -14.72
CA GLY A 150 29.73 9.65 -15.94
C GLY A 150 28.73 10.76 -15.64
N THR A 151 28.37 11.55 -16.65
CA THR A 151 27.45 12.65 -16.47
C THR A 151 26.22 12.47 -17.35
N PHE A 152 25.08 12.96 -16.86
CA PHE A 152 23.83 12.98 -17.62
C PHE A 152 23.42 14.41 -17.96
N ASP A 153 24.39 15.29 -18.18
CA ASP A 153 24.11 16.71 -18.38
C ASP A 153 23.34 16.94 -19.67
N SER A 154 23.91 16.55 -20.80
CA SER A 154 23.32 16.80 -22.11
C SER A 154 22.75 15.51 -22.68
N GLN A 155 21.90 15.68 -23.70
CA GLN A 155 21.31 14.55 -24.40
C GLN A 155 22.32 13.81 -25.27
N SER A 156 23.49 14.41 -25.53
CA SER A 156 24.49 13.79 -26.40
C SER A 156 25.26 12.70 -25.67
N THR A 157 25.72 12.99 -24.45
CA THR A 157 26.47 12.03 -23.64
C THR A 157 25.56 11.12 -22.84
N LEU A 158 24.27 11.04 -23.18
CA LEU A 158 23.32 10.31 -22.35
C LEU A 158 23.44 8.80 -22.53
N ARG A 159 23.57 8.33 -23.77
CA ARG A 159 23.63 6.88 -24.00
C ARG A 159 24.91 6.29 -23.44
N ASP A 160 26.04 7.00 -23.57
CA ASP A 160 27.30 6.48 -23.06
C ASP A 160 27.26 6.31 -21.54
N SER A 161 26.81 7.34 -20.83
CA SER A 161 26.75 7.26 -19.38
C SER A 161 25.67 6.29 -18.90
N ALA A 162 24.58 6.16 -19.66
CA ALA A 162 23.54 5.21 -19.29
C ALA A 162 24.05 3.78 -19.38
N THR A 163 24.80 3.47 -20.44
CA THR A 163 25.36 2.14 -20.59
C THR A 163 26.39 1.84 -19.49
N VAL A 164 27.23 2.82 -19.18
CA VAL A 164 28.25 2.62 -18.14
C VAL A 164 27.58 2.38 -16.78
N PHE A 165 26.64 3.25 -16.42
CA PHE A 165 25.95 3.09 -15.15
C PHE A 165 25.08 1.84 -15.12
N ALA A 166 24.54 1.44 -16.27
CA ALA A 166 23.81 0.17 -16.33
C ALA A 166 24.73 -1.00 -15.98
N LEU A 167 25.88 -1.09 -16.67
CA LEU A 167 26.83 -2.16 -16.40
C LEU A 167 27.29 -2.17 -14.95
N SER A 168 27.50 -0.98 -14.38
CA SER A 168 27.83 -0.88 -12.96
C SER A 168 26.75 -1.51 -12.09
N THR A 169 25.48 -1.17 -12.37
CA THR A 169 24.38 -1.70 -11.57
C THR A 169 24.22 -3.21 -11.76
N MET A 170 24.50 -3.72 -12.97
CA MET A 170 24.31 -5.14 -13.24
C MET A 170 25.38 -6.00 -12.56
N ILE A 171 26.59 -5.47 -12.41
CA ILE A 171 27.68 -6.25 -11.83
C ILE A 171 27.75 -6.08 -10.31
N SER A 172 27.51 -4.87 -9.81
CA SER A 172 27.63 -4.62 -8.38
C SER A 172 26.45 -5.23 -7.62
N SER A 173 26.73 -5.64 -6.38
CA SER A 173 25.69 -6.08 -5.47
C SER A 173 25.13 -4.95 -4.61
N ILE A 174 25.89 -3.87 -4.45
CA ILE A 174 25.43 -2.64 -3.81
C ILE A 174 25.82 -1.49 -4.71
N GLN A 175 24.85 -0.63 -5.05
CA GLN A 175 25.08 0.53 -5.90
C GLN A 175 24.87 1.77 -5.06
N VAL A 176 25.96 2.51 -4.83
CA VAL A 176 25.92 3.73 -4.01
C VAL A 176 25.79 4.90 -4.97
N TYR A 177 24.58 5.43 -5.08
CA TYR A 177 24.27 6.57 -5.96
C TYR A 177 24.78 7.83 -5.27
N ASN A 178 25.90 8.36 -5.74
CA ASN A 178 26.59 9.48 -5.08
C ASN A 178 26.02 10.79 -5.62
N LEU A 179 25.06 11.36 -4.91
CA LEU A 179 24.43 12.62 -5.30
C LEU A 179 24.86 13.74 -4.35
N SER A 180 24.72 14.98 -4.84
CA SER A 180 25.17 16.16 -4.11
C SER A 180 23.96 16.97 -3.63
N GLN A 181 24.02 17.38 -2.36
CA GLN A 181 23.04 18.24 -1.70
C GLN A 181 21.63 17.66 -1.57
N ASN A 182 21.12 16.99 -2.59
CA ASN A 182 19.74 16.50 -2.53
C ASN A 182 19.51 15.45 -3.61
N VAL A 183 18.34 14.81 -3.53
CA VAL A 183 17.88 13.87 -4.53
C VAL A 183 16.80 14.58 -5.34
N GLN A 184 17.17 15.04 -6.53
CA GLN A 184 16.26 15.81 -7.38
C GLN A 184 15.58 14.89 -8.40
N GLU A 185 14.56 15.44 -9.07
CA GLU A 185 13.76 14.62 -9.98
C GLU A 185 14.60 14.09 -11.13
N ASP A 186 15.48 14.92 -11.70
CA ASP A 186 16.33 14.44 -12.79
C ASP A 186 17.25 13.31 -12.33
N ASP A 187 17.66 13.33 -11.06
CA ASP A 187 18.45 12.22 -10.52
C ASP A 187 17.67 10.92 -10.58
N LEU A 188 16.37 10.98 -10.28
CA LEU A 188 15.53 9.78 -10.36
C LEU A 188 15.29 9.39 -11.81
N GLN A 189 15.12 10.37 -12.70
CA GLN A 189 14.94 10.08 -14.12
C GLN A 189 16.16 9.37 -14.69
N HIS A 190 17.37 9.85 -14.34
CA HIS A 190 18.58 9.18 -14.80
C HIS A 190 18.70 7.79 -14.20
N LEU A 191 18.38 7.66 -12.90
CA LEU A 191 18.36 6.35 -12.26
C LEU A 191 17.44 5.39 -13.01
N GLN A 192 16.23 5.87 -13.36
CA GLN A 192 15.33 5.05 -14.17
C GLN A 192 15.93 4.74 -15.53
N LEU A 193 16.73 5.65 -16.08
CA LEU A 193 17.26 5.47 -17.43
C LEU A 193 18.23 4.31 -17.51
N PHE A 194 19.27 4.32 -16.67
CA PHE A 194 20.28 3.27 -16.79
C PHE A 194 19.85 1.95 -16.15
N THR A 195 18.89 1.97 -15.22
CA THR A 195 18.32 0.72 -14.76
C THR A 195 17.47 0.07 -15.85
N GLU A 196 16.81 0.88 -16.68
CA GLU A 196 16.05 0.31 -17.79
C GLU A 196 16.96 -0.24 -18.87
N TYR A 197 18.08 0.43 -19.13
CA TYR A 197 19.09 -0.13 -20.04
C TYR A 197 19.55 -1.49 -19.56
N GLY A 198 19.85 -1.61 -18.26
CA GLY A 198 20.31 -2.89 -17.72
C GLY A 198 19.27 -3.99 -17.85
N ARG A 199 18.00 -3.67 -17.57
CA ARG A 199 16.94 -4.67 -17.64
C ARG A 199 16.82 -5.27 -19.04
N LEU A 200 17.00 -4.45 -20.08
CA LEU A 200 16.81 -4.93 -21.44
C LEU A 200 17.90 -5.90 -21.87
N ALA A 201 19.05 -5.91 -21.18
CA ALA A 201 20.13 -6.83 -21.51
C ALA A 201 20.21 -8.03 -20.58
N MET A 202 19.63 -7.94 -19.39
CA MET A 202 19.69 -9.02 -18.41
C MET A 202 18.76 -10.16 -18.80
N GLU A 203 18.98 -11.31 -18.16
CA GLU A 203 18.03 -12.41 -18.26
C GLU A 203 16.74 -12.05 -17.54
N GLU A 204 15.61 -12.49 -18.09
CA GLU A 204 14.31 -12.20 -17.50
C GLU A 204 14.16 -12.88 -16.14
N THR A 205 13.68 -12.13 -15.15
CA THR A 205 13.52 -12.61 -13.78
C THR A 205 12.11 -12.31 -13.29
N PHE A 206 11.54 -13.26 -12.53
CA PHE A 206 10.22 -13.05 -11.94
C PHE A 206 10.29 -12.05 -10.79
N LEU A 207 11.34 -12.11 -9.98
CA LEU A 207 11.54 -11.16 -8.90
C LEU A 207 12.31 -9.94 -9.45
N LYS A 208 12.83 -9.12 -8.54
CA LYS A 208 13.48 -7.90 -8.95
C LYS A 208 14.88 -8.16 -9.50
N PRO A 209 15.34 -7.36 -10.47
CA PRO A 209 16.60 -7.66 -11.17
C PRO A 209 17.85 -7.34 -10.35
N PHE A 210 17.80 -6.32 -9.51
CA PHE A 210 18.95 -5.90 -8.74
C PHE A 210 18.67 -6.06 -7.24
N GLN A 211 19.72 -5.87 -6.45
CA GLN A 211 19.67 -6.16 -5.02
C GLN A 211 19.58 -4.89 -4.19
N SER A 212 20.67 -4.13 -4.06
CA SER A 212 20.73 -3.02 -3.11
C SER A 212 21.08 -1.73 -3.84
N LEU A 213 20.24 -0.72 -3.66
CA LEU A 213 20.52 0.64 -4.09
C LEU A 213 20.61 1.53 -2.87
N ILE A 214 21.56 2.47 -2.89
CA ILE A 214 21.77 3.37 -1.75
C ILE A 214 21.95 4.79 -2.28
N PHE A 215 21.10 5.71 -1.83
CA PHE A 215 21.24 7.12 -2.14
C PHE A 215 22.19 7.74 -1.12
N LEU A 216 23.39 8.10 -1.55
CA LEU A 216 24.37 8.77 -0.70
C LEU A 216 24.33 10.26 -1.00
N VAL A 217 23.68 11.03 -0.13
CA VAL A 217 23.61 12.48 -0.27
C VAL A 217 24.83 13.07 0.42
N ARG A 218 25.69 13.74 -0.36
CA ARG A 218 27.06 13.97 0.06
C ARG A 218 27.21 15.21 0.94
N ASP A 219 26.55 16.31 0.59
CA ASP A 219 26.69 17.53 1.38
C ASP A 219 25.35 17.92 1.98
N TRP A 220 24.79 17.04 2.81
CA TRP A 220 23.48 17.28 3.39
C TRP A 220 23.56 18.46 4.35
N SER A 221 22.71 19.47 4.13
CA SER A 221 22.77 20.72 4.87
C SER A 221 21.48 21.00 5.64
N PHE A 222 20.64 20.00 5.85
CA PHE A 222 19.41 20.15 6.61
C PHE A 222 19.29 19.05 7.67
N PRO A 223 20.21 19.01 8.64
CA PRO A 223 20.08 18.02 9.72
C PRO A 223 18.93 18.30 10.66
N TYR A 224 18.35 19.50 10.61
CA TYR A 224 17.19 19.85 11.44
C TYR A 224 15.88 19.32 10.85
N GLU A 225 15.91 18.78 9.63
CA GLU A 225 14.77 18.10 9.04
C GLU A 225 14.93 16.59 9.07
N PHE A 226 16.08 16.10 8.65
CA PHE A 226 16.43 14.68 8.73
C PHE A 226 17.88 14.59 9.20
N SER A 227 18.10 13.82 10.26
CA SER A 227 19.42 13.74 10.86
C SER A 227 20.43 13.11 9.90
N TYR A 228 21.71 13.45 10.11
CA TYR A 228 22.78 12.80 9.39
C TYR A 228 22.74 11.29 9.66
N GLY A 229 23.03 10.51 8.63
CA GLY A 229 23.17 9.08 8.80
C GLY A 229 22.10 8.28 8.07
N ALA A 230 21.92 7.04 8.52
CA ALA A 230 21.02 6.12 7.85
C ALA A 230 19.57 6.30 8.31
N ASP A 231 19.37 6.60 9.60
CA ASP A 231 18.00 6.79 10.10
C ASP A 231 17.36 8.03 9.47
N GLY A 232 18.07 9.16 9.48
CA GLY A 232 17.55 10.34 8.82
C GLY A 232 17.38 10.14 7.32
N GLY A 233 18.32 9.42 6.70
CA GLY A 233 18.19 9.14 5.28
C GLY A 233 17.00 8.25 4.96
N ALA A 234 16.66 7.34 5.87
CA ALA A 234 15.49 6.48 5.66
C ALA A 234 14.21 7.29 5.66
N LYS A 235 14.06 8.19 6.63
CA LYS A 235 12.88 9.05 6.66
C LYS A 235 12.87 10.02 5.49
N PHE A 236 14.04 10.54 5.11
CA PHE A 236 14.13 11.43 3.95
C PHE A 236 13.72 10.70 2.68
N LEU A 237 14.32 9.54 2.43
CA LEU A 237 14.01 8.79 1.21
C LEU A 237 12.57 8.29 1.21
N GLU A 238 12.02 8.01 2.38
CA GLU A 238 10.62 7.61 2.48
C GLU A 238 9.71 8.70 1.92
N LYS A 239 9.94 9.95 2.34
CA LYS A 239 9.15 11.07 1.82
C LYS A 239 9.44 11.31 0.34
N ARG A 240 10.70 11.16 -0.07
CA ARG A 240 11.06 11.45 -1.46
C ARG A 240 10.43 10.44 -2.42
N LEU A 241 10.66 9.14 -2.19
CA LEU A 241 10.19 8.11 -3.10
C LEU A 241 8.76 7.68 -2.82
N LYS A 242 8.06 8.36 -1.92
CA LYS A 242 6.65 8.05 -1.69
C LYS A 242 5.83 8.42 -2.92
N VAL A 243 4.91 7.53 -3.29
CA VAL A 243 4.00 7.76 -4.40
C VAL A 243 2.63 8.10 -3.83
N SER A 244 2.07 9.23 -4.24
CA SER A 244 0.79 9.70 -3.74
C SER A 244 -0.12 10.04 -4.92
N GLY A 245 -1.42 10.06 -4.64
CA GLY A 245 -2.40 10.34 -5.68
C GLY A 245 -2.36 11.77 -6.19
N ASN A 246 -1.82 12.70 -5.41
CA ASN A 246 -1.71 14.09 -5.83
C ASN A 246 -0.45 14.37 -6.63
N GLN A 247 0.46 13.40 -6.75
CA GLN A 247 1.65 13.56 -7.58
C GLN A 247 1.28 13.50 -9.07
N HIS A 248 2.13 14.11 -9.88
CA HIS A 248 1.98 14.03 -11.32
C HIS A 248 2.23 12.59 -11.78
N GLU A 249 1.69 12.26 -12.95
CA GLU A 249 1.81 10.89 -13.46
C GLU A 249 3.27 10.51 -13.67
N GLU A 250 4.05 11.40 -14.29
CA GLU A 250 5.46 11.11 -14.49
C GLU A 250 6.21 11.05 -13.16
N LEU A 251 5.71 11.74 -12.14
CA LEU A 251 6.41 11.76 -10.86
C LEU A 251 6.26 10.44 -10.12
N GLN A 252 5.08 9.82 -10.20
CA GLN A 252 4.88 8.54 -9.54
C GLN A 252 5.48 7.39 -10.34
N ASN A 253 5.43 7.46 -11.67
CA ASN A 253 5.85 6.33 -12.50
C ASN A 253 7.36 6.11 -12.41
N VAL A 254 8.14 7.17 -12.25
CA VAL A 254 9.58 6.99 -12.08
C VAL A 254 9.86 6.34 -10.72
N ARG A 255 9.02 6.61 -9.73
CA ARG A 255 9.19 6.03 -8.40
C ARG A 255 8.76 4.57 -8.38
N LYS A 256 7.67 4.25 -9.08
CA LYS A 256 7.26 2.86 -9.23
C LYS A 256 8.36 2.04 -9.92
N HIS A 257 9.05 2.63 -10.88
CA HIS A 257 10.11 1.92 -11.60
C HIS A 257 11.30 1.65 -10.69
N ILE A 258 11.73 2.65 -9.94
CA ILE A 258 12.91 2.52 -9.10
C ILE A 258 12.70 1.44 -8.04
N HIS A 259 11.50 1.42 -7.43
CA HIS A 259 11.22 0.42 -6.41
C HIS A 259 11.16 -0.98 -7.00
N SER A 260 10.71 -1.12 -8.25
CA SER A 260 10.61 -2.43 -8.89
C SER A 260 11.95 -2.99 -9.32
N CYS A 261 13.03 -2.21 -9.26
CA CYS A 261 14.33 -2.64 -9.73
C CYS A 261 15.24 -3.17 -8.63
N PHE A 262 15.03 -2.76 -7.38
CA PHE A 262 15.93 -3.10 -6.29
C PHE A 262 15.15 -3.75 -5.16
N THR A 263 15.64 -4.87 -4.65
CA THR A 263 14.99 -5.52 -3.52
C THR A 263 15.10 -4.68 -2.26
N ASN A 264 16.20 -3.94 -2.11
CA ASN A 264 16.40 -3.04 -0.99
C ASN A 264 16.88 -1.68 -1.50
N ILE A 265 16.32 -0.62 -0.93
CA ILE A 265 16.72 0.75 -1.23
C ILE A 265 16.94 1.48 0.08
N SER A 266 18.13 2.06 0.22
CA SER A 266 18.52 2.74 1.45
C SER A 266 19.03 4.16 1.12
N CYS A 267 19.29 4.92 2.18
CA CYS A 267 19.76 6.28 2.01
C CYS A 267 20.58 6.68 3.23
N PHE A 268 21.72 7.33 2.98
CA PHE A 268 22.60 7.81 4.04
C PHE A 268 22.89 9.28 3.78
N LEU A 269 22.55 10.13 4.75
CA LEU A 269 22.78 11.57 4.65
C LEU A 269 24.13 11.91 5.27
N LEU A 270 25.09 12.28 4.43
CA LEU A 270 26.45 12.58 4.88
C LEU A 270 26.64 14.08 4.98
N PRO A 271 27.24 14.59 6.05
CA PRO A 271 27.48 16.03 6.17
C PRO A 271 28.64 16.47 5.28
N HIS A 272 28.87 17.79 5.26
CA HIS A 272 29.93 18.42 4.48
C HIS A 272 31.28 18.20 5.15
N PRO A 273 32.33 17.91 4.37
CA PRO A 273 33.64 17.61 4.98
C PRO A 273 34.43 18.82 5.41
N GLY A 274 33.96 20.03 5.11
CA GLY A 274 34.69 21.24 5.43
C GLY A 274 35.31 21.87 4.19
N LEU A 275 35.67 23.15 4.33
CA LEU A 275 36.17 23.91 3.19
C LEU A 275 37.59 23.54 2.82
N LYS A 276 38.37 23.03 3.78
CA LYS A 276 39.73 22.58 3.45
C LYS A 276 39.69 21.38 2.52
N VAL A 277 38.79 20.43 2.78
CA VAL A 277 38.65 19.29 1.87
C VAL A 277 38.00 19.72 0.57
N ALA A 278 37.01 20.61 0.63
CA ALA A 278 36.21 20.94 -0.55
C ALA A 278 36.99 21.74 -1.58
N THR A 279 37.94 22.56 -1.15
CA THR A 279 38.67 23.45 -2.04
C THR A 279 40.08 22.96 -2.36
N ASN A 280 40.49 21.82 -1.82
CA ASN A 280 41.82 21.28 -2.09
C ASN A 280 41.72 20.12 -3.06
N PRO A 281 42.36 20.19 -4.23
CA PRO A 281 42.39 19.02 -5.12
C PRO A 281 43.36 17.99 -4.55
N ASN A 282 42.85 16.77 -4.31
CA ASN A 282 43.63 15.73 -3.65
C ASN A 282 44.06 16.20 -2.26
N PHE A 283 43.14 16.08 -1.30
CA PHE A 283 43.36 16.61 0.05
C PHE A 283 44.49 15.85 0.74
N ASP A 284 45.48 16.58 1.23
CA ASP A 284 46.65 15.98 1.89
C ASP A 284 46.86 16.49 3.31
N GLY A 285 45.91 17.24 3.86
CA GLY A 285 46.05 17.77 5.19
C GLY A 285 45.83 16.72 6.26
N LYS A 286 45.94 17.16 7.51
CA LYS A 286 45.74 16.26 8.63
C LYS A 286 44.27 15.85 8.74
N LEU A 287 44.04 14.69 9.38
CA LEU A 287 42.68 14.25 9.62
C LEU A 287 41.93 15.21 10.52
N LYS A 288 42.66 15.94 11.38
CA LYS A 288 42.06 16.96 12.22
C LYS A 288 41.41 18.06 11.39
N GLU A 289 41.93 18.34 10.20
CA GLU A 289 41.43 19.39 9.34
C GLU A 289 40.16 19.00 8.58
N ILE A 290 39.72 17.76 8.70
CA ILE A 290 38.42 17.34 8.18
C ILE A 290 37.37 17.57 9.27
N ASP A 291 36.18 17.98 8.86
CA ASP A 291 35.13 18.31 9.82
C ASP A 291 34.79 17.12 10.71
N ASP A 292 34.60 17.40 12.01
CA ASP A 292 34.39 16.32 12.97
C ASP A 292 33.08 15.59 12.72
N GLU A 293 32.01 16.33 12.37
CA GLU A 293 30.74 15.67 12.06
C GLU A 293 30.85 14.79 10.82
N PHE A 294 31.69 15.18 9.86
CA PHE A 294 31.88 14.35 8.67
C PHE A 294 32.55 13.02 9.03
N ILE A 295 33.62 13.07 9.81
CA ILE A 295 34.32 11.85 10.21
C ILE A 295 33.40 10.98 11.07
N LYS A 296 32.63 11.61 11.97
CA LYS A 296 31.74 10.86 12.85
C LYS A 296 30.75 10.01 12.05
N ASN A 297 30.14 10.60 11.02
CA ASN A 297 29.21 9.84 10.20
C ASN A 297 29.92 8.98 9.17
N LEU A 298 31.12 9.39 8.75
CA LEU A 298 31.92 8.54 7.88
C LEU A 298 32.34 7.26 8.60
N LYS A 299 32.66 7.37 9.89
CA LYS A 299 33.01 6.20 10.69
C LYS A 299 31.89 5.19 10.79
N ILE A 300 30.64 5.62 10.59
CA ILE A 300 29.51 4.70 10.60
C ILE A 300 28.99 4.39 9.19
N LEU A 301 29.33 5.21 8.20
CA LEU A 301 28.91 4.92 6.83
C LEU A 301 29.68 3.75 6.25
N ILE A 302 31.01 3.74 6.43
CA ILE A 302 31.84 2.71 5.80
C ILE A 302 31.53 1.31 6.31
N PRO A 303 31.50 1.05 7.63
CA PRO A 303 31.10 -0.30 8.07
C PRO A 303 29.66 -0.63 7.75
N TRP A 304 28.78 0.37 7.72
CA TRP A 304 27.41 0.16 7.27
C TRP A 304 27.37 -0.45 5.87
N LEU A 305 28.40 -0.19 5.06
CA LEU A 305 28.49 -0.72 3.70
C LEU A 305 29.28 -2.02 3.62
N LEU A 306 30.37 -2.14 4.39
CA LEU A 306 31.38 -3.16 4.15
C LEU A 306 31.64 -4.07 5.34
N SER A 307 30.84 -4.00 6.40
CA SER A 307 31.04 -4.91 7.52
C SER A 307 30.76 -6.34 7.08
N PRO A 308 31.52 -7.31 7.59
CA PRO A 308 31.33 -8.72 7.17
C PRO A 308 29.92 -9.25 7.42
N GLU A 309 29.21 -8.73 8.41
CA GLU A 309 27.85 -9.21 8.68
C GLU A 309 26.86 -8.72 7.64
N SER A 310 27.07 -7.54 7.08
CA SER A 310 26.18 -6.96 6.09
C SER A 310 26.50 -7.40 4.67
N LEU A 311 27.54 -8.23 4.49
CA LEU A 311 27.95 -8.65 3.15
C LEU A 311 26.95 -9.64 2.58
N ASP A 312 26.24 -9.21 1.53
CA ASP A 312 25.34 -10.07 0.78
C ASP A 312 26.00 -10.46 -0.53
N ILE A 313 26.05 -11.77 -0.80
CA ILE A 313 26.68 -12.26 -2.02
C ILE A 313 25.92 -11.77 -3.24
N LYS A 314 26.66 -11.33 -4.25
CA LYS A 314 26.07 -10.91 -5.50
C LYS A 314 25.30 -12.06 -6.14
N GLU A 315 24.08 -11.77 -6.58
CA GLU A 315 23.24 -12.78 -7.22
C GLU A 315 22.72 -12.24 -8.55
N ILE A 316 22.75 -13.10 -9.56
CA ILE A 316 22.23 -12.81 -10.89
C ILE A 316 21.28 -13.94 -11.25
N ASN A 317 20.03 -13.60 -11.54
CA ASN A 317 19.00 -14.59 -11.88
C ASN A 317 18.78 -15.58 -10.74
N GLY A 318 19.03 -15.17 -9.51
CA GLY A 318 18.77 -15.98 -8.35
C GLY A 318 19.91 -16.89 -7.91
N ASN A 319 21.04 -16.87 -8.60
CA ASN A 319 22.19 -17.71 -8.29
C ASN A 319 23.31 -16.87 -7.72
N LYS A 320 23.88 -17.30 -6.60
CA LYS A 320 25.04 -16.63 -6.04
C LYS A 320 26.21 -16.67 -7.01
N ILE A 321 26.78 -15.51 -7.28
CA ILE A 321 27.81 -15.35 -8.30
C ILE A 321 29.19 -15.42 -7.65
N THR A 322 30.12 -16.08 -8.33
CA THR A 322 31.51 -16.14 -7.91
C THR A 322 32.32 -15.11 -8.70
N CYS A 323 33.58 -14.92 -8.27
CA CYS A 323 34.46 -14.00 -8.98
C CYS A 323 34.60 -14.37 -10.45
N ARG A 324 34.81 -15.65 -10.73
CA ARG A 324 34.90 -16.11 -12.12
C ARG A 324 33.59 -15.83 -12.86
N GLY A 325 32.45 -16.10 -12.22
CA GLY A 325 31.18 -15.88 -12.86
C GLY A 325 30.87 -14.41 -13.09
N LEU A 326 31.31 -13.55 -12.17
CA LEU A 326 31.06 -12.11 -12.34
C LEU A 326 31.80 -11.57 -13.55
N VAL A 327 33.00 -12.07 -13.83
CA VAL A 327 33.73 -11.66 -15.02
C VAL A 327 33.01 -12.12 -16.27
N GLU A 328 32.47 -13.34 -16.25
CA GLU A 328 31.73 -13.86 -17.41
C GLU A 328 30.50 -13.01 -17.70
N TYR A 329 29.76 -12.63 -16.66
CA TYR A 329 28.59 -11.78 -16.88
C TYR A 329 29.00 -10.40 -17.37
N PHE A 330 30.12 -9.88 -16.87
CA PHE A 330 30.61 -8.58 -17.36
C PHE A 330 30.92 -8.66 -18.85
N LYS A 331 31.59 -9.74 -19.28
CA LYS A 331 31.86 -9.93 -20.69
C LYS A 331 30.58 -10.17 -21.48
N ALA A 332 29.64 -10.92 -20.90
CA ALA A 332 28.40 -11.21 -21.62
C ALA A 332 27.53 -9.96 -21.75
N TYR A 333 27.42 -9.17 -20.68
CA TYR A 333 26.61 -7.97 -20.73
C TYR A 333 27.18 -6.94 -21.69
N ILE A 334 28.52 -6.76 -21.70
CA ILE A 334 29.12 -5.75 -22.56
C ILE A 334 28.95 -6.12 -24.03
N LYS A 335 28.92 -7.42 -24.34
CA LYS A 335 28.77 -7.84 -25.74
C LYS A 335 27.37 -7.53 -26.26
N ILE A 336 26.37 -7.53 -25.37
CA ILE A 336 25.01 -7.21 -25.79
C ILE A 336 24.90 -5.76 -26.21
N TYR A 337 25.57 -4.86 -25.51
CA TYR A 337 25.50 -3.43 -25.83
C TYR A 337 26.30 -3.05 -27.06
N GLN A 338 27.08 -3.97 -27.62
CA GLN A 338 27.88 -3.72 -28.81
C GLN A 338 27.22 -4.25 -30.07
N GLY A 339 26.84 -5.52 -30.09
CA GLY A 339 26.21 -6.12 -31.25
C GLY A 339 26.88 -7.40 -31.70
N LYS B 32 6.74 -5.85 23.32
CA LYS B 32 5.33 -5.65 22.99
C LYS B 32 5.03 -6.11 21.57
N ALA B 33 4.56 -7.35 21.44
CA ALA B 33 4.20 -7.91 20.15
C ALA B 33 2.71 -7.74 19.90
N GLY B 34 2.35 -7.70 18.62
CA GLY B 34 0.96 -7.52 18.22
C GLY B 34 0.74 -7.78 16.74
N PRO B 35 -0.53 -7.71 16.32
CA PRO B 35 -0.84 -7.91 14.91
C PRO B 35 -0.49 -6.68 14.08
N VAL B 36 0.02 -6.92 12.87
CA VAL B 36 0.44 -5.87 11.96
C VAL B 36 -0.35 -6.02 10.66
N GLN B 37 -1.05 -4.97 10.27
CA GLN B 37 -1.80 -4.96 9.01
C GLN B 37 -0.82 -4.83 7.85
N VAL B 38 -0.68 -5.91 7.08
CA VAL B 38 0.28 -5.98 5.99
C VAL B 38 -0.39 -5.74 4.63
N LEU B 39 -1.60 -6.25 4.46
CA LEU B 39 -2.36 -6.10 3.22
C LEU B 39 -3.75 -5.55 3.55
N ILE B 40 -4.20 -4.58 2.75
CA ILE B 40 -5.52 -3.98 2.94
C ILE B 40 -6.07 -3.59 1.57
N VAL B 41 -7.39 -3.51 1.49
CA VAL B 41 -8.10 -3.10 0.27
C VAL B 41 -8.70 -1.74 0.52
N LYS B 42 -8.17 -0.71 -0.15
CA LYS B 42 -8.70 0.63 0.01
C LYS B 42 -10.09 0.72 -0.64
N ASP B 43 -10.80 1.81 -0.31
CA ASP B 43 -12.17 1.98 -0.77
C ASP B 43 -12.28 2.12 -2.28
N ASP B 44 -11.21 2.54 -2.96
CA ASP B 44 -11.20 2.57 -4.42
C ASP B 44 -10.99 1.18 -5.03
N HIS B 45 -11.00 0.13 -4.21
CA HIS B 45 -10.77 -1.24 -4.63
C HIS B 45 -9.38 -1.45 -5.23
N SER B 46 -8.40 -0.70 -4.73
CA SER B 46 -6.99 -0.96 -5.02
C SER B 46 -6.36 -1.68 -3.84
N PHE B 47 -5.19 -2.26 -4.09
CA PHE B 47 -4.52 -3.11 -3.11
C PHE B 47 -3.23 -2.45 -2.64
N GLU B 48 -3.15 -2.21 -1.33
CA GLU B 48 -1.98 -1.60 -0.71
C GLU B 48 -1.26 -2.64 0.15
N LEU B 49 0.04 -2.79 -0.09
CA LEU B 49 0.90 -3.67 0.70
C LEU B 49 1.84 -2.80 1.53
N ASP B 50 1.71 -2.87 2.85
CA ASP B 50 2.61 -2.12 3.72
C ASP B 50 4.01 -2.72 3.66
N GLU B 51 4.81 -2.27 2.69
CA GLU B 51 6.14 -2.84 2.52
C GLU B 51 7.05 -2.51 3.69
N THR B 52 6.89 -1.33 4.28
CA THR B 52 7.74 -0.95 5.42
C THR B 52 7.48 -1.86 6.61
N ALA B 53 6.23 -2.23 6.85
CA ALA B 53 5.93 -3.14 7.95
C ALA B 53 6.38 -4.56 7.64
N LEU B 54 6.19 -4.99 6.39
CA LEU B 54 6.69 -6.30 5.97
C LEU B 54 8.18 -6.43 6.21
N ASN B 55 8.95 -5.43 5.77
CA ASN B 55 10.40 -5.49 5.93
C ASN B 55 10.80 -5.43 7.40
N ARG B 56 10.05 -4.65 8.20
CA ARG B 56 10.38 -4.53 9.62
C ARG B 56 10.26 -5.86 10.35
N ILE B 57 9.40 -6.76 9.86
CA ILE B 57 9.11 -8.02 10.53
C ILE B 57 9.97 -9.15 9.98
N LEU B 58 9.97 -9.35 8.67
CA LEU B 58 10.58 -10.53 8.06
C LEU B 58 11.99 -10.32 7.55
N LEU B 59 12.47 -9.08 7.47
CA LEU B 59 13.79 -8.81 6.93
C LEU B 59 14.82 -8.48 8.01
N SER B 60 14.46 -8.63 9.28
CA SER B 60 15.43 -8.43 10.35
C SER B 60 16.56 -9.44 10.22
N GLU B 61 17.77 -8.99 10.60
CA GLU B 61 18.97 -9.81 10.40
C GLU B 61 18.86 -11.17 11.10
N ALA B 62 18.07 -11.24 12.17
CA ALA B 62 17.95 -12.48 12.95
C ALA B 62 17.11 -13.54 12.27
N VAL B 63 16.40 -13.21 11.19
CA VAL B 63 15.41 -14.13 10.64
C VAL B 63 15.33 -14.04 9.12
N ARG B 64 16.00 -13.03 8.54
CA ARG B 64 15.83 -12.78 7.11
C ARG B 64 16.35 -13.93 6.24
N ASP B 65 17.34 -14.67 6.72
CA ASP B 65 17.97 -15.72 5.92
C ASP B 65 17.56 -17.11 6.34
N LYS B 66 16.44 -17.25 7.03
CA LYS B 66 15.98 -18.54 7.54
C LYS B 66 14.74 -19.01 6.80
N GLU B 67 14.71 -20.30 6.48
CA GLU B 67 13.57 -20.87 5.78
C GLU B 67 12.31 -20.72 6.62
N VAL B 68 11.22 -20.33 5.97
CA VAL B 68 10.02 -19.84 6.64
C VAL B 68 8.90 -20.88 6.52
N VAL B 69 8.10 -20.99 7.57
CA VAL B 69 6.83 -21.70 7.56
C VAL B 69 5.74 -20.67 7.81
N ALA B 70 4.78 -20.57 6.88
CA ALA B 70 3.74 -19.56 6.94
C ALA B 70 2.39 -20.24 7.09
N VAL B 71 1.75 -20.04 8.24
CA VAL B 71 0.45 -20.63 8.56
C VAL B 71 -0.58 -19.52 8.55
N SER B 72 -1.62 -19.69 7.74
CA SER B 72 -2.67 -18.70 7.57
C SER B 72 -4.01 -19.25 8.02
N VAL B 73 -4.78 -18.43 8.73
CA VAL B 73 -6.17 -18.72 9.06
C VAL B 73 -7.03 -17.76 8.26
N ALA B 74 -7.76 -18.30 7.29
CA ALA B 74 -8.53 -17.49 6.35
C ALA B 74 -10.02 -17.78 6.50
N GLY B 75 -10.81 -16.72 6.52
CA GLY B 75 -12.25 -16.87 6.65
C GLY B 75 -12.93 -15.54 6.76
N ALA B 76 -14.25 -15.61 6.90
CA ALA B 76 -15.07 -14.40 6.98
C ALA B 76 -14.93 -13.75 8.35
N PHE B 77 -15.39 -12.49 8.42
CA PHE B 77 -15.35 -11.74 9.67
C PHE B 77 -16.26 -12.37 10.70
N ARG B 78 -15.82 -12.34 11.97
CA ARG B 78 -16.61 -12.84 13.10
C ARG B 78 -16.87 -14.35 13.00
N LYS B 79 -15.83 -15.09 12.64
CA LYS B 79 -15.95 -16.54 12.53
C LYS B 79 -15.03 -17.29 13.48
N GLY B 80 -14.42 -16.60 14.44
CA GLY B 80 -13.58 -17.24 15.44
C GLY B 80 -12.11 -17.30 15.11
N LYS B 81 -11.63 -16.45 14.19
CA LYS B 81 -10.23 -16.54 13.78
C LYS B 81 -9.32 -15.98 14.85
N SER B 82 -9.60 -14.77 15.34
CA SER B 82 -8.76 -14.16 16.37
C SER B 82 -8.73 -15.03 17.64
N PHE B 83 -9.88 -15.56 18.04
CA PHE B 83 -9.93 -16.43 19.22
C PHE B 83 -9.05 -17.66 19.04
N LEU B 84 -9.01 -18.21 17.82
CA LEU B 84 -8.18 -19.39 17.56
C LEU B 84 -6.70 -19.04 17.58
N MET B 85 -6.33 -17.95 16.93
CA MET B 85 -4.92 -17.60 16.82
C MET B 85 -4.31 -17.16 18.14
N ASP B 86 -5.13 -16.70 19.09
CA ASP B 86 -4.62 -16.43 20.43
C ASP B 86 -4.14 -17.72 21.10
N PHE B 87 -4.77 -18.85 20.78
CA PHE B 87 -4.30 -20.13 21.31
C PHE B 87 -3.10 -20.66 20.54
N MET B 88 -3.00 -20.36 19.25
CA MET B 88 -1.78 -20.69 18.52
C MET B 88 -0.59 -19.93 19.09
N LEU B 89 -0.81 -18.67 19.48
CA LEU B 89 0.25 -17.90 20.13
C LEU B 89 0.63 -18.51 21.48
N ARG B 90 -0.36 -18.97 22.24
CA ARG B 90 -0.07 -19.62 23.52
C ARG B 90 0.81 -20.85 23.32
N TYR B 91 0.59 -21.58 22.22
CA TYR B 91 1.43 -22.73 21.92
C TYR B 91 2.83 -22.29 21.49
N MET B 92 2.91 -21.28 20.61
CA MET B 92 4.21 -20.85 20.11
C MET B 92 5.08 -20.24 21.20
N TYR B 93 4.47 -19.59 22.19
CA TYR B 93 5.23 -18.99 23.28
C TYR B 93 5.50 -19.97 24.41
N ASN B 94 4.84 -21.13 24.43
CA ASN B 94 5.00 -22.12 25.49
C ASN B 94 5.00 -23.52 24.90
N GLN B 95 5.80 -23.74 23.86
CA GLN B 95 5.84 -25.06 23.22
C GLN B 95 6.37 -26.12 24.16
N GLU B 96 7.34 -25.76 24.99
CA GLU B 96 7.96 -26.70 25.93
C GLU B 96 7.18 -26.85 27.23
N SER B 97 5.93 -26.39 27.28
CA SER B 97 5.07 -26.54 28.45
C SER B 97 3.95 -27.51 28.13
N VAL B 98 3.69 -28.43 29.06
CA VAL B 98 2.64 -29.43 28.84
C VAL B 98 1.26 -28.77 28.82
N ASP B 99 1.01 -27.89 29.79
CA ASP B 99 -0.27 -27.19 29.86
C ASP B 99 -0.12 -25.76 29.32
N TRP B 100 0.34 -25.69 28.07
CA TRP B 100 0.53 -24.41 27.39
C TRP B 100 -0.77 -23.62 27.27
N VAL B 101 -1.93 -24.31 27.32
CA VAL B 101 -3.21 -23.64 27.13
C VAL B 101 -3.47 -22.65 28.27
N GLY B 102 -2.95 -22.92 29.46
CA GLY B 102 -3.06 -22.01 30.58
C GLY B 102 -3.67 -22.68 31.79
N ASP B 103 -3.83 -21.88 32.85
CA ASP B 103 -4.42 -22.38 34.09
C ASP B 103 -5.93 -22.56 33.92
N TYR B 104 -6.42 -23.72 34.34
CA TYR B 104 -7.84 -24.05 34.17
C TYR B 104 -8.73 -23.11 34.98
N ASN B 105 -8.22 -22.55 36.08
CA ASN B 105 -9.02 -21.73 36.99
C ASN B 105 -8.77 -20.24 36.83
N GLU B 106 -7.99 -19.83 35.84
CA GLU B 106 -7.65 -18.43 35.63
C GLU B 106 -8.03 -18.00 34.22
N PRO B 107 -8.26 -16.69 34.00
CA PRO B 107 -8.59 -16.23 32.64
C PRO B 107 -7.46 -16.47 31.64
N LEU B 108 -7.71 -16.13 30.39
CA LEU B 108 -6.71 -16.37 29.35
C LEU B 108 -5.57 -15.35 29.48
N THR B 109 -4.35 -15.82 29.23
CA THR B 109 -3.16 -15.03 29.42
C THR B 109 -2.28 -15.08 28.17
N GLY B 110 -1.69 -13.94 27.84
CA GLY B 110 -0.80 -13.81 26.72
C GLY B 110 -1.23 -12.69 25.79
N PHE B 111 -0.46 -12.51 24.73
CA PHE B 111 -0.80 -11.51 23.73
C PHE B 111 -2.05 -11.94 22.97
N SER B 112 -2.62 -11.01 22.21
CA SER B 112 -3.92 -11.27 21.58
C SER B 112 -4.00 -10.55 20.25
N TRP B 113 -4.67 -11.20 19.28
CA TRP B 113 -5.04 -10.54 18.04
C TRP B 113 -6.26 -9.65 18.23
N ARG B 114 -7.10 -9.97 19.22
CA ARG B 114 -8.38 -9.29 19.42
C ARG B 114 -8.18 -7.88 19.95
N GLY B 115 -7.58 -7.01 19.14
CA GLY B 115 -7.37 -5.62 19.52
C GLY B 115 -8.63 -4.79 19.46
N GLU B 118 -12.61 -3.27 17.65
CA GLU B 118 -12.36 -4.11 16.47
C GLU B 118 -12.56 -3.34 15.16
N ARG B 119 -12.37 -4.04 14.04
CA ARG B 119 -12.50 -3.45 12.72
C ARG B 119 -12.68 -4.54 11.67
N GLU B 120 -13.70 -4.40 10.83
CA GLU B 120 -13.96 -5.37 9.76
C GLU B 120 -13.19 -4.94 8.52
N THR B 121 -11.88 -5.21 8.55
CA THR B 121 -10.97 -4.83 7.47
C THR B 121 -10.65 -6.06 6.63
N THR B 122 -10.93 -5.97 5.33
CA THR B 122 -10.58 -7.03 4.39
C THR B 122 -9.09 -6.93 4.07
N GLY B 123 -8.33 -7.97 4.41
CA GLY B 123 -6.91 -7.96 4.13
C GLY B 123 -6.20 -9.10 4.85
N ILE B 124 -4.91 -8.90 5.10
CA ILE B 124 -4.06 -9.88 5.76
C ILE B 124 -3.31 -9.20 6.89
N GLN B 125 -3.30 -9.82 8.07
CA GLN B 125 -2.48 -9.40 9.19
C GLN B 125 -1.48 -10.50 9.53
N ILE B 126 -0.28 -10.08 9.94
CA ILE B 126 0.75 -11.01 10.38
C ILE B 126 1.15 -10.65 11.80
N TRP B 127 1.68 -11.63 12.51
CA TRP B 127 2.15 -11.40 13.86
C TRP B 127 3.52 -10.73 13.82
N SER B 128 3.73 -9.76 14.72
CA SER B 128 4.94 -8.94 14.64
C SER B 128 6.19 -9.72 15.02
N GLU B 129 6.05 -10.73 15.88
CA GLU B 129 7.19 -11.54 16.30
C GLU B 129 7.22 -12.82 15.47
N ILE B 130 8.37 -13.08 14.84
CA ILE B 130 8.57 -14.30 14.07
C ILE B 130 9.22 -15.32 14.99
N PHE B 131 8.66 -16.52 15.04
CA PHE B 131 9.14 -17.55 15.95
C PHE B 131 10.23 -18.37 15.29
N LEU B 132 11.33 -18.56 16.01
CA LEU B 132 12.45 -19.36 15.55
C LEU B 132 12.34 -20.74 16.22
N ILE B 133 12.02 -21.75 15.43
CA ILE B 133 11.80 -23.10 15.92
C ILE B 133 12.99 -23.96 15.51
N ASN B 134 13.62 -24.60 16.49
CA ASN B 134 14.64 -25.59 16.19
C ASN B 134 13.95 -26.89 15.76
N LYS B 135 14.19 -27.29 14.52
CA LYS B 135 13.64 -28.52 14.00
C LYS B 135 14.34 -29.71 14.67
N PRO B 136 13.83 -30.94 14.46
CA PRO B 136 14.58 -32.11 14.93
C PRO B 136 16.00 -32.15 14.39
N ASP B 137 16.25 -31.41 13.32
CA ASP B 137 17.60 -31.27 12.76
C ASP B 137 18.40 -30.26 13.59
N GLY B 138 19.42 -29.66 12.99
CA GLY B 138 20.21 -28.67 13.69
C GLY B 138 20.15 -27.29 13.07
N LYS B 139 19.03 -26.98 12.41
CA LYS B 139 18.83 -25.70 11.75
C LYS B 139 17.55 -25.05 12.24
N LYS B 140 17.62 -23.72 12.44
CA LYS B 140 16.48 -22.95 12.94
C LYS B 140 15.56 -22.56 11.79
N VAL B 141 14.25 -22.74 11.99
CA VAL B 141 13.24 -22.43 11.00
C VAL B 141 12.37 -21.31 11.53
N ALA B 142 11.90 -20.46 10.63
CA ALA B 142 11.04 -19.32 10.98
C ALA B 142 9.58 -19.66 10.75
N VAL B 143 8.74 -19.27 11.70
CA VAL B 143 7.30 -19.51 11.64
C VAL B 143 6.59 -18.17 11.57
N LEU B 144 5.80 -17.98 10.51
CA LEU B 144 5.02 -16.77 10.30
C LEU B 144 3.54 -17.10 10.42
N LEU B 145 2.80 -16.26 11.14
CA LEU B 145 1.37 -16.46 11.37
C LEU B 145 0.58 -15.38 10.64
N MET B 146 -0.43 -15.79 9.88
CA MET B 146 -1.22 -14.89 9.07
C MET B 146 -2.69 -14.99 9.44
N ASP B 147 -3.38 -13.85 9.39
CA ASP B 147 -4.83 -13.79 9.60
C ASP B 147 -5.44 -13.14 8.36
N THR B 148 -6.15 -13.93 7.57
CA THR B 148 -6.75 -13.47 6.32
C THR B 148 -8.26 -13.32 6.54
N GLN B 149 -8.79 -12.17 6.15
CA GLN B 149 -10.18 -11.84 6.42
C GLN B 149 -10.82 -11.21 5.18
N GLY B 150 -12.04 -11.65 4.87
CA GLY B 150 -12.78 -11.12 3.74
C GLY B 150 -14.08 -11.88 3.55
N THR B 151 -15.03 -11.30 2.83
CA THR B 151 -16.33 -11.93 2.63
C THR B 151 -16.59 -12.13 1.14
N PHE B 152 -17.33 -13.20 0.84
CA PHE B 152 -17.79 -13.50 -0.51
C PHE B 152 -19.30 -13.38 -0.62
N ASP B 153 -19.90 -12.47 0.15
CA ASP B 153 -21.35 -12.37 0.21
C ASP B 153 -21.95 -11.93 -1.11
N SER B 154 -21.57 -10.75 -1.59
CA SER B 154 -22.13 -10.16 -2.79
C SER B 154 -21.14 -10.24 -3.93
N GLN B 155 -21.65 -10.03 -5.15
CA GLN B 155 -20.80 -9.99 -6.33
C GLN B 155 -19.95 -8.73 -6.39
N SER B 156 -20.24 -7.73 -5.58
CA SER B 156 -19.50 -6.48 -5.60
C SER B 156 -18.15 -6.62 -4.88
N THR B 157 -18.15 -7.21 -3.69
CA THR B 157 -16.94 -7.41 -2.90
C THR B 157 -16.20 -8.68 -3.29
N LEU B 158 -16.51 -9.26 -4.45
CA LEU B 158 -15.95 -10.56 -4.80
C LEU B 158 -14.50 -10.46 -5.26
N ARG B 159 -14.18 -9.48 -6.11
CA ARG B 159 -12.81 -9.38 -6.61
C ARG B 159 -11.83 -8.99 -5.51
N ASP B 160 -12.25 -8.10 -4.61
CA ASP B 160 -11.36 -7.67 -3.52
C ASP B 160 -11.01 -8.85 -2.62
N SER B 161 -12.03 -9.60 -2.19
CA SER B 161 -11.77 -10.73 -1.29
C SER B 161 -11.06 -11.87 -2.01
N ALA B 162 -11.33 -12.05 -3.31
CA ALA B 162 -10.63 -13.09 -4.06
C ALA B 162 -9.15 -12.80 -4.17
N THR B 163 -8.79 -11.53 -4.41
CA THR B 163 -7.37 -11.16 -4.48
C THR B 163 -6.69 -11.33 -3.14
N VAL B 164 -7.35 -10.93 -2.05
CA VAL B 164 -6.75 -11.05 -0.72
C VAL B 164 -6.53 -12.52 -0.38
N PHE B 165 -7.56 -13.35 -0.56
CA PHE B 165 -7.42 -14.77 -0.25
C PHE B 165 -6.45 -15.46 -1.20
N ALA B 166 -6.36 -14.99 -2.45
CA ALA B 166 -5.35 -15.53 -3.36
C ALA B 166 -3.95 -15.27 -2.82
N LEU B 167 -3.64 -14.02 -2.49
CA LEU B 167 -2.32 -13.68 -1.96
C LEU B 167 -2.03 -14.46 -0.67
N SER B 168 -3.04 -14.65 0.18
CA SER B 168 -2.88 -15.46 1.37
C SER B 168 -2.46 -16.89 1.01
N THR B 169 -3.16 -17.48 0.04
CA THR B 169 -2.84 -18.85 -0.37
C THR B 169 -1.48 -18.95 -1.03
N MET B 170 -1.06 -17.91 -1.76
CA MET B 170 0.21 -17.96 -2.47
C MET B 170 1.40 -17.82 -1.52
N ILE B 171 1.24 -17.10 -0.42
CA ILE B 171 2.34 -16.86 0.51
C ILE B 171 2.40 -17.93 1.59
N SER B 172 1.25 -18.36 2.09
CA SER B 172 1.24 -19.32 3.18
C SER B 172 1.63 -20.71 2.69
N SER B 173 2.24 -21.49 3.59
CA SER B 173 2.51 -22.89 3.33
C SER B 173 1.40 -23.81 3.82
N ILE B 174 0.58 -23.33 4.76
CA ILE B 174 -0.64 -24.02 5.19
C ILE B 174 -1.77 -22.99 5.19
N GLN B 175 -2.87 -23.33 4.52
CA GLN B 175 -4.03 -22.45 4.45
C GLN B 175 -5.17 -23.10 5.21
N VAL B 176 -5.56 -22.50 6.33
CA VAL B 176 -6.61 -23.02 7.19
C VAL B 176 -7.90 -22.30 6.80
N TYR B 177 -8.74 -22.98 6.03
CA TYR B 177 -10.02 -22.43 5.58
C TYR B 177 -10.99 -22.50 6.74
N ASN B 178 -11.25 -21.36 7.37
CA ASN B 178 -12.05 -21.29 8.60
C ASN B 178 -13.52 -21.15 8.22
N LEU B 179 -14.23 -22.28 8.17
CA LEU B 179 -15.65 -22.30 7.84
C LEU B 179 -16.47 -22.62 9.08
N SER B 180 -17.75 -22.26 9.02
CA SER B 180 -18.67 -22.41 10.14
C SER B 180 -19.69 -23.50 9.86
N GLN B 181 -19.85 -24.41 10.82
CA GLN B 181 -20.85 -25.50 10.81
C GLN B 181 -20.68 -26.55 9.72
N ASN B 182 -20.33 -26.17 8.49
CA ASN B 182 -20.24 -27.17 7.43
C ASN B 182 -19.46 -26.61 6.25
N VAL B 183 -19.15 -27.50 5.31
CA VAL B 183 -18.51 -27.13 4.04
C VAL B 183 -19.59 -27.19 2.96
N GLN B 184 -20.10 -26.04 2.56
CA GLN B 184 -21.16 -25.96 1.58
C GLN B 184 -20.60 -25.71 0.19
N GLU B 185 -21.47 -25.82 -0.82
CA GLU B 185 -21.02 -25.72 -2.21
C GLU B 185 -20.44 -24.35 -2.50
N ASP B 186 -21.07 -23.28 -1.99
CA ASP B 186 -20.52 -21.95 -2.22
C ASP B 186 -19.16 -21.78 -1.57
N ASP B 187 -18.90 -22.47 -0.45
CA ASP B 187 -17.57 -22.45 0.14
C ASP B 187 -16.54 -23.03 -0.81
N LEU B 188 -16.90 -24.09 -1.53
CA LEU B 188 -16.00 -24.67 -2.52
C LEU B 188 -15.88 -23.77 -3.74
N GLN B 189 -16.98 -23.13 -4.13
CA GLN B 189 -16.94 -22.20 -5.26
C GLN B 189 -16.00 -21.04 -4.99
N HIS B 190 -16.07 -20.46 -3.79
CA HIS B 190 -15.16 -19.38 -3.44
C HIS B 190 -13.72 -19.87 -3.37
N LEU B 191 -13.51 -21.06 -2.79
CA LEU B 191 -12.18 -21.66 -2.76
C LEU B 191 -11.61 -21.80 -4.18
N GLN B 192 -12.43 -22.29 -5.11
CA GLN B 192 -12.00 -22.35 -6.50
C GLN B 192 -11.71 -20.96 -7.07
N LEU B 193 -12.44 -19.95 -6.61
CA LEU B 193 -12.31 -18.61 -7.19
C LEU B 193 -10.94 -18.01 -6.88
N PHE B 194 -10.57 -17.95 -5.59
CA PHE B 194 -9.32 -17.27 -5.27
C PHE B 194 -8.10 -18.14 -5.51
N THR B 195 -8.25 -19.47 -5.58
CA THR B 195 -7.14 -20.29 -6.03
C THR B 195 -6.87 -20.10 -7.51
N GLU B 196 -7.93 -19.84 -8.30
CA GLU B 196 -7.72 -19.57 -9.72
C GLU B 196 -7.09 -18.20 -9.94
N TYR B 197 -7.48 -17.21 -9.12
CA TYR B 197 -6.79 -15.92 -9.16
C TYR B 197 -5.30 -16.09 -8.89
N GLY B 198 -4.95 -16.89 -7.88
CA GLY B 198 -3.54 -17.09 -7.57
C GLY B 198 -2.78 -17.79 -8.68
N ARG B 199 -3.41 -18.80 -9.29
CA ARG B 199 -2.75 -19.53 -10.37
C ARG B 199 -2.39 -18.62 -11.54
N LEU B 200 -3.26 -17.67 -11.87
CA LEU B 200 -3.03 -16.82 -13.03
C LEU B 200 -1.87 -15.84 -12.81
N ALA B 201 -1.48 -15.60 -11.56
CA ALA B 201 -0.37 -14.70 -11.27
C ALA B 201 0.93 -15.43 -10.96
N MET B 202 0.86 -16.70 -10.56
CA MET B 202 2.04 -17.46 -10.19
C MET B 202 2.82 -17.89 -11.43
N GLU B 203 4.07 -18.30 -11.21
CA GLU B 203 4.83 -18.95 -12.26
C GLU B 203 4.24 -20.32 -12.55
N GLU B 204 4.27 -20.72 -13.83
CA GLU B 204 3.74 -22.02 -14.22
C GLU B 204 4.56 -23.16 -13.63
N THR B 205 3.87 -24.16 -13.08
CA THR B 205 4.48 -25.31 -12.44
C THR B 205 3.90 -26.60 -13.03
N PHE B 206 4.75 -27.60 -13.22
CA PHE B 206 4.27 -28.89 -13.71
C PHE B 206 3.49 -29.62 -12.63
N LEU B 207 3.93 -29.54 -11.38
CA LEU B 207 3.20 -30.12 -10.26
C LEU B 207 2.19 -29.11 -9.74
N LYS B 208 1.65 -29.36 -8.55
CA LYS B 208 0.58 -28.52 -8.02
C LYS B 208 1.15 -27.20 -7.47
N PRO B 209 0.37 -26.11 -7.55
CA PRO B 209 0.90 -24.79 -7.20
C PRO B 209 1.03 -24.53 -5.71
N PHE B 210 0.15 -25.11 -4.91
CA PHE B 210 0.14 -24.90 -3.47
C PHE B 210 0.41 -26.21 -2.74
N GLN B 211 0.61 -26.10 -1.44
CA GLN B 211 1.07 -27.22 -0.63
C GLN B 211 -0.05 -27.81 0.21
N SER B 212 -0.48 -27.13 1.28
CA SER B 212 -1.40 -27.71 2.25
C SER B 212 -2.63 -26.83 2.41
N LEU B 213 -3.81 -27.42 2.20
CA LEU B 213 -5.08 -26.80 2.50
C LEU B 213 -5.76 -27.58 3.62
N ILE B 214 -6.41 -26.86 4.54
CA ILE B 214 -7.07 -27.49 5.67
C ILE B 214 -8.45 -26.86 5.85
N PHE B 215 -9.49 -27.68 5.81
CA PHE B 215 -10.85 -27.23 6.10
C PHE B 215 -11.07 -27.31 7.61
N LEU B 216 -11.16 -26.16 8.26
CA LEU B 216 -11.44 -26.09 9.69
C LEU B 216 -12.91 -25.76 9.86
N VAL B 217 -13.71 -26.77 10.19
CA VAL B 217 -15.13 -26.60 10.45
C VAL B 217 -15.29 -26.24 11.92
N ARG B 218 -15.82 -25.05 12.18
CA ARG B 218 -15.63 -24.44 13.50
C ARG B 218 -16.65 -24.91 14.53
N ASP B 219 -17.92 -24.99 14.15
CA ASP B 219 -18.92 -25.40 15.14
C ASP B 219 -19.57 -26.71 14.73
N TRP B 220 -18.77 -27.75 14.61
CA TRP B 220 -19.27 -29.04 14.15
C TRP B 220 -20.24 -29.61 15.17
N SER B 221 -21.46 -29.92 14.73
CA SER B 221 -22.53 -30.33 15.62
C SER B 221 -23.04 -31.73 15.31
N PHE B 222 -22.27 -32.52 14.56
CA PHE B 222 -22.64 -33.90 14.23
C PHE B 222 -21.49 -34.85 14.53
N PRO B 223 -21.08 -34.96 15.80
CA PRO B 223 -20.02 -35.93 16.13
C PRO B 223 -20.48 -37.37 16.03
N TYR B 224 -21.79 -37.61 15.93
CA TYR B 224 -22.33 -38.96 15.75
C TYR B 224 -22.26 -39.44 14.31
N GLU B 225 -21.89 -38.57 13.38
CA GLU B 225 -21.61 -38.94 12.00
C GLU B 225 -20.10 -39.00 11.71
N PHE B 226 -19.38 -37.95 12.11
CA PHE B 226 -17.94 -37.91 12.01
C PHE B 226 -17.40 -37.31 13.30
N SER B 227 -16.47 -38.02 13.94
CA SER B 227 -15.98 -37.61 15.25
C SER B 227 -15.23 -36.28 15.16
N TYR B 228 -15.19 -35.57 16.29
CA TYR B 228 -14.38 -34.37 16.38
C TYR B 228 -12.92 -34.73 16.12
N GLY B 229 -12.21 -33.84 15.42
CA GLY B 229 -10.79 -33.98 15.22
C GLY B 229 -10.42 -34.22 13.77
N ALA B 230 -9.21 -34.78 13.58
CA ALA B 230 -8.66 -34.95 12.25
C ALA B 230 -9.15 -36.23 11.58
N ASP B 231 -9.33 -37.30 12.36
CA ASP B 231 -9.81 -38.55 11.78
C ASP B 231 -11.22 -38.41 11.26
N GLY B 232 -12.13 -37.86 12.08
CA GLY B 232 -13.48 -37.61 11.61
C GLY B 232 -13.52 -36.63 10.46
N GLY B 233 -12.67 -35.60 10.50
CA GLY B 233 -12.61 -34.65 9.41
C GLY B 233 -12.14 -35.27 8.11
N ALA B 234 -11.23 -36.24 8.19
CA ALA B 234 -10.74 -36.91 6.99
C ALA B 234 -11.86 -37.69 6.32
N LYS B 235 -12.64 -38.44 7.11
CA LYS B 235 -13.77 -39.17 6.55
C LYS B 235 -14.85 -38.21 6.03
N PHE B 236 -15.08 -37.11 6.76
CA PHE B 236 -16.05 -36.12 6.32
C PHE B 236 -15.64 -35.50 5.00
N LEU B 237 -14.40 -35.02 4.91
CA LEU B 237 -13.94 -34.36 3.69
C LEU B 237 -13.86 -35.34 2.52
N GLU B 238 -13.59 -36.61 2.80
CA GLU B 238 -13.58 -37.62 1.74
C GLU B 238 -14.94 -37.70 1.06
N LYS B 239 -16.02 -37.76 1.85
CA LYS B 239 -17.36 -37.79 1.26
C LYS B 239 -17.70 -36.47 0.57
N ARG B 240 -17.28 -35.34 1.15
CA ARG B 240 -17.62 -34.04 0.57
C ARG B 240 -16.93 -33.84 -0.78
N LEU B 241 -15.61 -33.99 -0.82
CA LEU B 241 -14.83 -33.74 -2.02
C LEU B 241 -14.74 -34.95 -2.95
N LYS B 242 -15.50 -36.01 -2.67
CA LYS B 242 -15.53 -37.16 -3.57
C LYS B 242 -16.18 -36.79 -4.89
N VAL B 243 -15.59 -37.26 -5.98
CA VAL B 243 -16.13 -37.10 -7.33
C VAL B 243 -16.77 -38.40 -7.77
N SER B 244 -18.03 -38.33 -8.17
CA SER B 244 -18.79 -39.49 -8.62
C SER B 244 -19.45 -39.17 -9.95
N GLY B 245 -19.77 -40.23 -10.70
CA GLY B 245 -20.37 -40.06 -12.00
C GLY B 245 -21.80 -39.53 -11.98
N ASN B 246 -22.51 -39.72 -10.86
CA ASN B 246 -23.87 -39.23 -10.74
C ASN B 246 -23.96 -37.79 -10.24
N GLN B 247 -22.82 -37.18 -9.86
CA GLN B 247 -22.83 -35.78 -9.46
C GLN B 247 -23.06 -34.88 -10.68
N HIS B 248 -23.56 -33.68 -10.41
CA HIS B 248 -23.70 -32.67 -11.46
C HIS B 248 -22.32 -32.25 -11.96
N GLU B 249 -22.29 -31.73 -13.20
CA GLU B 249 -21.03 -31.35 -13.81
C GLU B 249 -20.32 -30.26 -13.03
N GLU B 250 -21.06 -29.23 -12.59
CA GLU B 250 -20.43 -28.17 -11.82
C GLU B 250 -19.93 -28.67 -10.48
N LEU B 251 -20.54 -29.71 -9.92
CA LEU B 251 -20.10 -30.24 -8.63
C LEU B 251 -18.78 -30.98 -8.77
N GLN B 252 -18.57 -31.67 -9.90
CA GLN B 252 -17.31 -32.38 -10.11
C GLN B 252 -16.18 -31.40 -10.41
N ASN B 253 -16.47 -30.34 -11.15
CA ASN B 253 -15.42 -29.45 -11.61
C ASN B 253 -14.80 -28.65 -10.46
N VAL B 254 -15.59 -28.28 -9.46
CA VAL B 254 -15.01 -27.57 -8.32
C VAL B 254 -14.15 -28.51 -7.49
N ARG B 255 -14.51 -29.80 -7.43
CA ARG B 255 -13.69 -30.76 -6.69
C ARG B 255 -12.45 -31.16 -7.47
N LYS B 256 -12.57 -31.33 -8.80
CA LYS B 256 -11.38 -31.57 -9.60
C LYS B 256 -10.40 -30.40 -9.50
N HIS B 257 -10.93 -29.17 -9.43
CA HIS B 257 -10.07 -27.99 -9.35
C HIS B 257 -9.36 -27.91 -8.00
N ILE B 258 -10.10 -28.11 -6.91
CA ILE B 258 -9.52 -27.96 -5.59
C ILE B 258 -8.41 -28.98 -5.37
N HIS B 259 -8.63 -30.23 -5.80
CA HIS B 259 -7.61 -31.26 -5.63
C HIS B 259 -6.37 -30.98 -6.46
N SER B 260 -6.54 -30.34 -7.63
CA SER B 260 -5.41 -30.04 -8.50
C SER B 260 -4.57 -28.86 -8.00
N CYS B 261 -5.03 -28.14 -6.97
CA CYS B 261 -4.33 -26.97 -6.48
C CYS B 261 -3.46 -27.23 -5.27
N PHE B 262 -3.75 -28.28 -4.49
CA PHE B 262 -3.04 -28.53 -3.24
C PHE B 262 -2.49 -29.94 -3.23
N THR B 263 -1.22 -30.08 -2.87
CA THR B 263 -0.62 -31.42 -2.78
C THR B 263 -1.23 -32.21 -1.64
N ASN B 264 -1.63 -31.54 -0.55
CA ASN B 264 -2.29 -32.17 0.57
C ASN B 264 -3.52 -31.36 0.96
N ILE B 265 -4.61 -32.05 1.25
CA ILE B 265 -5.85 -31.44 1.70
C ILE B 265 -6.32 -32.20 2.94
N SER B 266 -6.55 -31.47 4.02
CA SER B 266 -6.94 -32.06 5.30
C SER B 266 -8.19 -31.37 5.83
N CYS B 267 -8.71 -31.91 6.92
CA CYS B 267 -9.91 -31.38 7.54
C CYS B 267 -9.92 -31.70 9.02
N PHE B 268 -10.27 -30.72 9.84
CA PHE B 268 -10.36 -30.87 11.29
C PHE B 268 -11.71 -30.37 11.74
N LEU B 269 -12.49 -31.25 12.38
CA LEU B 269 -13.82 -30.91 12.88
C LEU B 269 -13.70 -30.46 14.34
N LEU B 270 -13.91 -29.16 14.58
CA LEU B 270 -13.79 -28.58 15.91
C LEU B 270 -15.16 -28.41 16.52
N PRO B 271 -15.35 -28.77 17.79
CA PRO B 271 -16.65 -28.59 18.43
C PRO B 271 -16.88 -27.12 18.81
N HIS B 272 -18.08 -26.85 19.32
CA HIS B 272 -18.51 -25.52 19.73
C HIS B 272 -17.86 -25.15 21.07
N PRO B 273 -17.39 -23.91 21.23
CA PRO B 273 -16.68 -23.53 22.46
C PRO B 273 -17.59 -23.24 23.65
N GLY B 274 -18.90 -23.21 23.46
CA GLY B 274 -19.83 -22.86 24.51
C GLY B 274 -20.41 -21.48 24.31
N LEU B 275 -21.51 -21.23 25.02
CA LEU B 275 -22.25 -19.98 24.84
C LEU B 275 -21.56 -18.78 25.49
N LYS B 276 -20.73 -19.02 26.51
CA LYS B 276 -19.98 -17.92 27.10
C LYS B 276 -18.97 -17.35 26.12
N VAL B 277 -18.28 -18.22 25.37
CA VAL B 277 -17.36 -17.75 24.35
C VAL B 277 -18.11 -17.15 23.17
N ALA B 278 -19.23 -17.77 22.78
CA ALA B 278 -19.90 -17.38 21.54
C ALA B 278 -20.58 -16.02 21.64
N THR B 279 -21.05 -15.64 22.83
CA THR B 279 -21.82 -14.41 22.99
C THR B 279 -21.01 -13.28 23.64
N ASN B 280 -19.75 -13.51 23.96
CA ASN B 280 -18.92 -12.47 24.57
C ASN B 280 -17.96 -11.91 23.54
N PRO B 281 -18.01 -10.62 23.23
CA PRO B 281 -17.00 -10.02 22.34
C PRO B 281 -15.70 -9.88 23.09
N ASN B 282 -14.63 -10.46 22.55
CA ASN B 282 -13.34 -10.49 23.25
C ASN B 282 -13.50 -11.22 24.58
N PHE B 283 -13.49 -12.56 24.53
CA PHE B 283 -13.76 -13.38 25.71
C PHE B 283 -12.66 -13.20 26.74
N ASP B 284 -13.06 -12.87 27.98
CA ASP B 284 -12.11 -12.62 29.06
C ASP B 284 -12.37 -13.51 30.28
N GLY B 285 -13.24 -14.50 30.16
CA GLY B 285 -13.54 -15.36 31.28
C GLY B 285 -12.44 -16.39 31.53
N LYS B 286 -12.68 -17.21 32.55
CA LYS B 286 -11.72 -18.25 32.90
C LYS B 286 -11.69 -19.33 31.83
N LEU B 287 -10.56 -20.05 31.77
CA LEU B 287 -10.42 -21.17 30.84
C LEU B 287 -11.42 -22.27 31.16
N LYS B 288 -11.83 -22.38 32.44
CA LYS B 288 -12.84 -23.34 32.84
C LYS B 288 -14.18 -23.07 32.15
N GLU B 289 -14.46 -21.80 31.84
CA GLU B 289 -15.72 -21.41 31.23
C GLU B 289 -15.79 -21.72 29.74
N ILE B 290 -14.72 -22.19 29.13
CA ILE B 290 -14.75 -22.70 27.77
C ILE B 290 -15.10 -24.17 27.82
N ASP B 291 -15.89 -24.63 26.84
CA ASP B 291 -16.37 -26.01 26.85
C ASP B 291 -15.21 -26.99 26.84
N ASP B 292 -15.34 -28.06 27.63
CA ASP B 292 -14.24 -29.01 27.81
C ASP B 292 -13.92 -29.74 26.52
N GLU B 293 -14.95 -30.14 25.75
CA GLU B 293 -14.71 -30.80 24.47
C GLU B 293 -13.99 -29.89 23.49
N PHE B 294 -14.25 -28.58 23.55
CA PHE B 294 -13.56 -27.64 22.69
C PHE B 294 -12.07 -27.59 23.02
N ILE B 295 -11.73 -27.45 24.30
CA ILE B 295 -10.33 -27.40 24.70
C ILE B 295 -9.64 -28.72 24.38
N LYS B 296 -10.33 -29.85 24.59
CA LYS B 296 -9.72 -31.15 24.34
C LYS B 296 -9.28 -31.29 22.88
N ASN B 297 -10.13 -30.88 21.95
CA ASN B 297 -9.77 -30.94 20.53
C ASN B 297 -8.89 -29.77 20.12
N LEU B 298 -9.00 -28.63 20.80
CA LEU B 298 -8.09 -27.53 20.54
C LEU B 298 -6.66 -27.90 20.95
N LYS B 299 -6.52 -28.65 22.04
CA LYS B 299 -5.21 -29.11 22.49
C LYS B 299 -4.54 -30.00 21.46
N ILE B 300 -5.30 -30.65 20.58
CA ILE B 300 -4.73 -31.48 19.54
C ILE B 300 -4.75 -30.80 18.18
N LEU B 301 -5.57 -29.75 17.99
CA LEU B 301 -5.58 -29.03 16.72
C LEU B 301 -4.32 -28.19 16.56
N ILE B 302 -3.96 -27.44 17.61
CA ILE B 302 -2.84 -26.49 17.50
C ILE B 302 -1.51 -27.20 17.22
N PRO B 303 -1.10 -28.21 17.98
CA PRO B 303 0.15 -28.91 17.62
C PRO B 303 0.05 -29.64 16.31
N TRP B 304 -1.13 -30.14 15.95
CA TRP B 304 -1.35 -30.73 14.63
C TRP B 304 -0.96 -29.77 13.52
N LEU B 305 -1.04 -28.46 13.77
CA LEU B 305 -0.68 -27.43 12.80
C LEU B 305 0.75 -26.96 12.93
N LEU B 306 1.24 -26.81 14.17
CA LEU B 306 2.45 -26.03 14.43
C LEU B 306 3.55 -26.82 15.14
N SER B 307 3.41 -28.13 15.30
CA SER B 307 4.48 -28.90 15.93
C SER B 307 5.72 -28.87 15.04
N PRO B 308 6.91 -28.82 15.64
CA PRO B 308 8.15 -28.76 14.84
C PRO B 308 8.35 -29.93 13.88
N GLU B 309 7.77 -31.10 14.19
CA GLU B 309 7.94 -32.24 13.30
C GLU B 309 7.11 -32.12 12.03
N SER B 310 5.96 -31.47 12.11
CA SER B 310 5.05 -31.31 10.98
C SER B 310 5.36 -30.07 10.14
N LEU B 311 6.38 -29.30 10.51
CA LEU B 311 6.70 -28.06 9.81
C LEU B 311 7.31 -28.37 8.44
N ASP B 312 6.58 -28.03 7.38
CA ASP B 312 7.08 -28.13 6.01
C ASP B 312 7.46 -26.73 5.53
N ILE B 313 8.69 -26.60 5.03
CA ILE B 313 9.16 -25.31 4.55
C ILE B 313 8.34 -24.85 3.35
N LYS B 314 7.98 -23.57 3.34
CA LYS B 314 7.25 -22.99 2.22
C LYS B 314 8.07 -23.12 0.95
N GLU B 315 7.41 -23.58 -0.12
CA GLU B 315 8.06 -23.75 -1.41
C GLU B 315 7.23 -23.08 -2.50
N ILE B 316 7.93 -22.38 -3.38
CA ILE B 316 7.33 -21.72 -4.54
C ILE B 316 8.11 -22.17 -5.77
N ASN B 317 7.41 -22.77 -6.74
CA ASN B 317 8.03 -23.26 -7.96
C ASN B 317 9.08 -24.33 -7.67
N GLY B 318 8.92 -25.05 -6.56
CA GLY B 318 9.79 -26.16 -6.23
C GLY B 318 11.01 -25.80 -5.40
N ASN B 319 11.20 -24.53 -5.06
CA ASN B 319 12.35 -24.08 -4.29
C ASN B 319 11.91 -23.67 -2.89
N LYS B 320 12.62 -24.17 -1.89
CA LYS B 320 12.34 -23.75 -0.51
C LYS B 320 12.57 -22.25 -0.35
N ILE B 321 11.57 -21.57 0.20
CA ILE B 321 11.57 -20.11 0.30
C ILE B 321 12.07 -19.70 1.67
N THR B 322 12.87 -18.65 1.71
CA THR B 322 13.32 -18.04 2.96
C THR B 322 12.45 -16.85 3.31
N CYS B 323 12.64 -16.31 4.51
CA CYS B 323 11.89 -15.13 4.93
C CYS B 323 12.09 -13.97 3.96
N ARG B 324 13.35 -13.72 3.57
CA ARG B 324 13.63 -12.68 2.59
C ARG B 324 12.93 -12.97 1.27
N GLY B 325 12.96 -14.23 0.81
CA GLY B 325 12.32 -14.58 -0.44
C GLY B 325 10.80 -14.48 -0.37
N LEU B 326 10.22 -14.79 0.78
CA LEU B 326 8.77 -14.71 0.92
C LEU B 326 8.29 -13.27 0.79
N VAL B 327 9.07 -12.31 1.31
CA VAL B 327 8.73 -10.90 1.15
C VAL B 327 8.81 -10.48 -0.30
N GLU B 328 9.84 -10.95 -1.01
CA GLU B 328 9.98 -10.61 -2.43
C GLU B 328 8.81 -11.14 -3.25
N TYR B 329 8.39 -12.38 -2.97
CA TYR B 329 7.25 -12.93 -3.70
C TYR B 329 5.97 -12.19 -3.36
N PHE B 330 5.82 -11.76 -2.10
CA PHE B 330 4.66 -10.97 -1.72
C PHE B 330 4.63 -9.66 -2.50
N LYS B 331 5.77 -8.99 -2.61
CA LYS B 331 5.86 -7.76 -3.40
C LYS B 331 5.66 -8.05 -4.88
N ALA B 332 6.20 -9.16 -5.38
CA ALA B 332 6.06 -9.48 -6.80
C ALA B 332 4.63 -9.84 -7.15
N TYR B 333 3.97 -10.64 -6.30
CA TYR B 333 2.60 -11.03 -6.57
C TYR B 333 1.65 -9.84 -6.52
N ILE B 334 1.82 -8.94 -5.54
CA ILE B 334 0.90 -7.83 -5.39
C ILE B 334 1.01 -6.87 -6.59
N LYS B 335 2.19 -6.75 -7.20
CA LYS B 335 2.34 -5.86 -8.35
C LYS B 335 1.60 -6.39 -9.56
N ILE B 336 1.45 -7.71 -9.67
CA ILE B 336 0.73 -8.29 -10.79
C ILE B 336 -0.75 -7.92 -10.73
N TYR B 337 -1.33 -7.93 -9.53
CA TYR B 337 -2.74 -7.61 -9.36
C TYR B 337 -3.04 -6.12 -9.48
N GLN B 338 -2.02 -5.27 -9.56
CA GLN B 338 -2.20 -3.83 -9.69
C GLN B 338 -2.04 -3.36 -11.13
N GLY B 339 -0.93 -3.70 -11.79
CA GLY B 339 -0.69 -3.30 -13.16
C GLY B 339 0.71 -2.76 -13.37
N LYS C 32 -53.54 -40.09 16.28
CA LYS C 32 -52.13 -40.12 15.88
C LYS C 32 -51.85 -39.15 14.73
N ALA C 33 -51.41 -37.95 15.08
CA ALA C 33 -51.08 -36.93 14.10
C ALA C 33 -49.58 -36.95 13.78
N GLY C 34 -49.24 -36.48 12.59
CA GLY C 34 -47.86 -36.45 12.15
C GLY C 34 -47.66 -35.61 10.91
N PRO C 35 -46.40 -35.47 10.50
CA PRO C 35 -46.11 -34.69 9.29
C PRO C 35 -46.46 -35.48 8.03
N VAL C 36 -47.00 -34.77 7.04
CA VAL C 36 -47.44 -35.36 5.79
C VAL C 36 -46.70 -34.67 4.65
N GLN C 37 -45.99 -35.45 3.83
CA GLN C 37 -45.29 -34.91 2.67
C GLN C 37 -46.30 -34.58 1.58
N VAL C 38 -46.49 -33.28 1.32
CA VAL C 38 -47.49 -32.81 0.38
C VAL C 38 -46.87 -32.46 -0.97
N LEU C 39 -45.68 -31.87 -0.96
CA LEU C 39 -44.97 -31.50 -2.18
C LEU C 39 -43.56 -32.06 -2.13
N ILE C 40 -43.12 -32.63 -3.26
CA ILE C 40 -41.80 -33.22 -3.37
C ILE C 40 -41.31 -33.03 -4.80
N VAL C 41 -40.00 -33.09 -4.97
CA VAL C 41 -39.36 -32.96 -6.27
C VAL C 41 -38.84 -34.33 -6.68
N LYS C 42 -39.46 -34.93 -7.69
CA LYS C 42 -39.03 -36.23 -8.17
C LYS C 42 -37.66 -36.14 -8.85
N ASP C 43 -37.05 -37.32 -9.06
CA ASP C 43 -35.71 -37.38 -9.64
C ASP C 43 -35.67 -36.84 -11.06
N ASP C 44 -36.80 -36.79 -11.75
CA ASP C 44 -36.87 -36.18 -13.07
C ASP C 44 -36.86 -34.65 -13.00
N HIS C 45 -36.66 -34.09 -11.80
CA HIS C 45 -36.72 -32.65 -11.57
C HIS C 45 -38.09 -32.09 -11.94
N SER C 46 -39.11 -32.92 -11.82
CA SER C 46 -40.51 -32.53 -11.91
C SER C 46 -41.10 -32.46 -10.52
N PHE C 47 -42.26 -31.81 -10.41
CA PHE C 47 -42.87 -31.53 -9.12
C PHE C 47 -44.16 -32.33 -9.00
N GLU C 48 -44.23 -33.18 -7.98
CA GLU C 48 -45.39 -34.02 -7.71
C GLU C 48 -46.08 -33.49 -6.45
N LEU C 49 -47.38 -33.22 -6.56
CA LEU C 49 -48.19 -32.76 -5.45
C LEU C 49 -49.13 -33.87 -5.03
N ASP C 50 -48.98 -34.35 -3.79
CA ASP C 50 -49.85 -35.40 -3.26
C ASP C 50 -51.26 -34.87 -3.07
N GLU C 51 -52.09 -34.94 -4.12
CA GLU C 51 -53.45 -34.43 -4.02
C GLU C 51 -54.29 -35.21 -3.02
N THR C 52 -54.03 -36.52 -2.90
CA THR C 52 -54.82 -37.34 -1.97
C THR C 52 -54.58 -36.93 -0.53
N ALA C 53 -53.33 -36.62 -0.17
CA ALA C 53 -53.04 -36.19 1.19
C ALA C 53 -53.54 -34.78 1.45
N LEU C 54 -53.43 -33.89 0.47
CA LEU C 54 -53.95 -32.54 0.60
C LEU C 54 -55.44 -32.55 0.91
N ASN C 55 -56.21 -33.31 0.13
CA ASN C 55 -57.66 -33.37 0.33
C ASN C 55 -58.00 -34.03 1.66
N ARG C 56 -57.24 -35.05 2.06
CA ARG C 56 -57.54 -35.75 3.30
C ARG C 56 -57.45 -34.84 4.52
N ILE C 57 -56.61 -33.80 4.45
CA ILE C 57 -56.36 -32.92 5.58
C ILE C 57 -57.23 -31.66 5.51
N LEU C 58 -57.22 -30.97 4.37
CA LEU C 58 -57.81 -29.66 4.25
C LEU C 58 -59.26 -29.67 3.72
N LEU C 59 -59.73 -30.80 3.21
CA LEU C 59 -61.07 -30.86 2.64
C LEU C 59 -62.07 -31.60 3.52
N SER C 60 -61.69 -31.98 4.74
CA SER C 60 -62.64 -32.59 5.66
C SER C 60 -63.77 -31.62 5.97
N GLU C 61 -64.97 -32.16 6.16
CA GLU C 61 -66.16 -31.32 6.33
C GLU C 61 -66.03 -30.39 7.52
N ALA C 62 -65.25 -30.77 8.54
CA ALA C 62 -65.13 -29.98 9.74
C ALA C 62 -64.25 -28.74 9.57
N VAL C 63 -63.54 -28.61 8.45
CA VAL C 63 -62.52 -27.57 8.33
C VAL C 63 -62.45 -27.03 6.91
N ARG C 64 -63.15 -27.69 5.97
CA ARG C 64 -63.03 -27.33 4.58
C ARG C 64 -63.56 -25.93 4.27
N ASP C 65 -64.54 -25.45 5.06
CA ASP C 65 -65.20 -24.19 4.79
C ASP C 65 -64.77 -23.09 5.76
N LYS C 66 -63.60 -23.22 6.38
CA LYS C 66 -63.13 -22.27 7.38
C LYS C 66 -61.96 -21.47 6.82
N GLU C 67 -61.94 -20.17 7.09
CA GLU C 67 -60.84 -19.33 6.65
C GLU C 67 -59.53 -19.81 7.29
N VAL C 68 -58.48 -19.88 6.47
CA VAL C 68 -57.27 -20.60 6.82
C VAL C 68 -56.15 -19.61 7.15
N VAL C 69 -55.34 -19.98 8.15
CA VAL C 69 -54.07 -19.32 8.44
C VAL C 69 -52.97 -20.35 8.20
N ALA C 70 -52.04 -20.02 7.31
CA ALA C 70 -50.98 -20.94 6.91
C ALA C 70 -49.64 -20.34 7.30
N VAL C 71 -48.96 -20.98 8.25
CA VAL C 71 -47.66 -20.54 8.74
C VAL C 71 -46.62 -21.54 8.25
N SER C 72 -45.60 -21.03 7.55
CA SER C 72 -44.55 -21.87 6.97
C SER C 72 -43.21 -21.51 7.59
N VAL C 73 -42.42 -22.53 7.90
CA VAL C 73 -41.04 -22.37 8.32
C VAL C 73 -40.17 -22.91 7.18
N ALA C 74 -39.45 -22.02 6.51
CA ALA C 74 -38.69 -22.36 5.32
C ALA C 74 -37.21 -22.14 5.56
N GLY C 75 -36.40 -23.09 5.13
CA GLY C 75 -34.96 -22.99 5.29
C GLY C 75 -34.27 -24.26 4.83
N ALA C 76 -32.94 -24.23 4.96
CA ALA C 76 -32.12 -25.36 4.54
C ALA C 76 -32.24 -26.52 5.51
N PHE C 77 -31.78 -27.69 5.07
CA PHE C 77 -31.81 -28.88 5.89
C PHE C 77 -30.89 -28.74 7.10
N ARG C 78 -31.35 -29.27 8.24
CA ARG C 78 -30.58 -29.27 9.49
C ARG C 78 -30.29 -27.86 10.00
N LYS C 79 -31.30 -27.00 9.96
CA LYS C 79 -31.16 -25.63 10.45
C LYS C 79 -32.09 -25.32 11.61
N GLY C 80 -32.69 -26.32 12.23
CA GLY C 80 -33.53 -26.13 13.39
C GLY C 80 -35.02 -26.01 13.11
N LYS C 81 -35.49 -26.47 11.95
CA LYS C 81 -36.91 -26.29 11.61
C LYS C 81 -37.80 -27.25 12.40
N SER C 82 -37.48 -28.55 12.35
CA SER C 82 -38.29 -29.53 13.08
C SER C 82 -38.30 -29.24 14.57
N PHE C 83 -37.14 -28.91 15.14
CA PHE C 83 -37.08 -28.60 16.57
C PHE C 83 -37.98 -27.41 16.91
N LEU C 84 -38.03 -26.41 16.02
CA LEU C 84 -38.87 -25.25 16.27
C LEU C 84 -40.35 -25.60 16.15
N MET C 85 -40.72 -26.35 15.11
CA MET C 85 -42.13 -26.64 14.88
C MET C 85 -42.71 -27.60 15.91
N ASP C 86 -41.87 -28.40 16.58
CA ASP C 86 -42.36 -29.19 17.70
C ASP C 86 -42.85 -28.31 18.84
N PHE C 87 -42.23 -27.14 19.02
CA PHE C 87 -42.71 -26.20 20.04
C PHE C 87 -43.95 -25.45 19.57
N MET C 88 -44.06 -25.18 18.27
CA MET C 88 -45.29 -24.61 17.74
C MET C 88 -46.46 -25.56 17.97
N LEU C 89 -46.22 -26.86 17.81
CA LEU C 89 -47.26 -27.85 18.11
C LEU C 89 -47.62 -27.84 19.59
N ARG C 90 -46.62 -27.72 20.46
CA ARG C 90 -46.90 -27.66 21.89
C ARG C 90 -47.78 -26.46 22.23
N TYR C 91 -47.59 -25.34 21.54
CA TYR C 91 -48.44 -24.18 21.77
C TYR C 91 -49.85 -24.42 21.23
N MET C 92 -49.97 -24.99 20.04
CA MET C 92 -51.28 -25.19 19.44
C MET C 92 -52.12 -26.22 20.22
N TYR C 93 -51.48 -27.20 20.83
CA TYR C 93 -52.19 -28.23 21.59
C TYR C 93 -52.46 -27.83 23.04
N ASN C 94 -51.84 -26.77 23.53
CA ASN C 94 -52.02 -26.31 24.91
C ASN C 94 -52.07 -24.79 24.95
N GLN C 95 -52.87 -24.21 24.05
CA GLN C 95 -52.95 -22.75 23.96
C GLN C 95 -53.54 -22.15 25.23
N GLU C 96 -54.50 -22.82 25.84
CA GLU C 96 -55.16 -22.32 27.05
C GLU C 96 -54.38 -22.65 28.32
N SER C 97 -53.13 -23.07 28.20
CA SER C 97 -52.27 -23.36 29.34
C SER C 97 -51.17 -22.32 29.43
N VAL C 98 -50.91 -21.84 30.65
CA VAL C 98 -49.88 -20.82 30.84
C VAL C 98 -48.49 -21.39 30.55
N ASP C 99 -48.21 -22.58 31.06
CA ASP C 99 -46.91 -23.23 30.86
C ASP C 99 -47.00 -24.28 29.75
N TRP C 100 -47.43 -23.82 28.57
CA TRP C 100 -47.58 -24.69 27.42
C TRP C 100 -46.26 -25.32 27.00
N VAL C 101 -45.12 -24.70 27.34
CA VAL C 101 -43.82 -25.22 26.90
C VAL C 101 -43.54 -26.56 27.55
N GLY C 102 -44.03 -26.79 28.76
CA GLY C 102 -43.88 -28.05 29.46
C GLY C 102 -43.23 -27.87 30.81
N ASP C 103 -43.04 -29.00 31.48
CA ASP C 103 -42.40 -29.00 32.79
C ASP C 103 -40.90 -28.78 32.64
N TYR C 104 -40.36 -27.87 33.44
CA TYR C 104 -38.94 -27.52 33.36
C TYR C 104 -38.05 -28.70 33.70
N ASN C 105 -38.53 -29.62 34.54
CA ASN C 105 -37.72 -30.74 35.02
C ASN C 105 -38.04 -32.06 34.32
N GLU C 106 -38.88 -32.03 33.29
CA GLU C 106 -39.28 -33.24 32.57
C GLU C 106 -38.92 -33.12 31.10
N PRO C 107 -38.74 -34.25 30.40
CA PRO C 107 -38.42 -34.19 28.97
C PRO C 107 -39.53 -33.56 28.14
N LEU C 108 -39.29 -33.41 26.85
CA LEU C 108 -40.26 -32.79 25.96
C LEU C 108 -41.40 -33.76 25.68
N THR C 109 -42.62 -33.23 25.60
CA THR C 109 -43.82 -34.05 25.43
C THR C 109 -44.64 -33.52 24.27
N GLY C 110 -45.22 -34.44 23.50
CA GLY C 110 -46.07 -34.11 22.39
C GLY C 110 -45.62 -34.78 21.11
N PHE C 111 -46.36 -34.51 20.04
CA PHE C 111 -46.04 -35.03 18.73
C PHE C 111 -44.76 -34.38 18.20
N SER C 112 -44.24 -34.93 17.11
CA SER C 112 -42.95 -34.49 16.60
C SER C 112 -42.93 -34.57 15.07
N TRP C 113 -42.25 -33.61 14.45
CA TRP C 113 -41.96 -33.68 13.03
C TRP C 113 -40.78 -34.60 12.72
N ARG C 114 -39.89 -34.79 13.68
CA ARG C 114 -38.64 -35.52 13.48
C ARG C 114 -38.88 -37.02 13.31
N GLU C 118 -35.10 -38.41 8.98
CA GLU C 118 -33.68 -38.25 8.67
C GLU C 118 -33.45 -38.03 7.18
N ARG C 119 -34.54 -38.10 6.42
CA ARG C 119 -34.44 -37.94 4.97
C ARG C 119 -34.33 -36.46 4.60
N GLU C 120 -33.33 -36.14 3.77
CA GLU C 120 -33.13 -34.77 3.29
C GLU C 120 -33.93 -34.60 2.01
N THR C 121 -35.23 -34.40 2.18
CA THR C 121 -36.15 -34.29 1.05
C THR C 121 -36.49 -32.83 0.81
N THR C 122 -36.21 -32.36 -0.41
CA THR C 122 -36.59 -31.02 -0.82
C THR C 122 -38.07 -30.99 -1.17
N GLY C 123 -38.84 -30.19 -0.43
CA GLY C 123 -40.26 -30.10 -0.69
C GLY C 123 -40.98 -29.39 0.44
N ILE C 124 -42.26 -29.68 0.58
CA ILE C 124 -43.11 -29.10 1.60
C ILE C 124 -43.87 -30.22 2.30
N GLN C 125 -43.82 -30.25 3.63
CA GLN C 125 -44.67 -31.13 4.42
C GLN C 125 -45.54 -30.28 5.33
N ILE C 126 -46.76 -30.75 5.57
CA ILE C 126 -47.71 -30.05 6.43
C ILE C 126 -48.16 -30.98 7.55
N TRP C 127 -48.66 -30.38 8.62
CA TRP C 127 -49.15 -31.13 9.77
C TRP C 127 -50.53 -31.72 9.47
N SER C 128 -50.75 -32.96 9.90
CA SER C 128 -51.97 -33.67 9.53
C SER C 128 -53.20 -33.14 10.26
N GLU C 129 -53.04 -32.63 11.47
CA GLU C 129 -54.16 -32.09 12.24
C GLU C 129 -54.22 -30.58 12.08
N ILE C 130 -55.37 -30.08 11.66
CA ILE C 130 -55.61 -28.65 11.50
C ILE C 130 -56.30 -28.12 12.75
N PHE C 131 -55.77 -27.04 13.31
CA PHE C 131 -56.24 -26.49 14.57
C PHE C 131 -57.34 -25.46 14.31
N LEU C 132 -58.44 -25.55 15.05
CA LEU C 132 -59.54 -24.59 14.98
C LEU C 132 -59.41 -23.64 16.17
N ILE C 133 -59.01 -22.41 15.89
CA ILE C 133 -58.78 -21.40 16.92
C ILE C 133 -59.86 -20.31 16.80
N ASN C 134 -60.53 -20.03 17.90
CA ASN C 134 -61.45 -18.89 17.97
C ASN C 134 -60.65 -17.60 18.10
N LYS C 135 -60.77 -16.72 17.12
CA LYS C 135 -60.09 -15.44 17.16
C LYS C 135 -60.73 -14.53 18.20
N PRO C 136 -60.07 -13.42 18.56
CA PRO C 136 -60.72 -12.44 19.45
C PRO C 136 -62.00 -11.84 18.90
N ASP C 137 -62.21 -11.83 17.58
CA ASP C 137 -63.45 -11.30 17.01
C ASP C 137 -64.58 -12.32 17.00
N GLY C 138 -64.40 -13.48 17.61
CA GLY C 138 -65.46 -14.47 17.66
C GLY C 138 -65.65 -15.28 16.40
N LYS C 139 -64.58 -15.50 15.63
CA LYS C 139 -64.64 -16.25 14.38
C LYS C 139 -63.66 -17.41 14.45
N LYS C 140 -64.12 -18.59 14.03
CA LYS C 140 -63.28 -19.78 14.07
C LYS C 140 -62.46 -19.86 12.78
N VAL C 141 -61.15 -19.98 12.92
CA VAL C 141 -60.23 -20.04 11.80
C VAL C 141 -59.45 -21.34 11.85
N ALA C 142 -59.02 -21.81 10.68
CA ALA C 142 -58.22 -23.02 10.56
C ALA C 142 -56.75 -22.63 10.48
N VAL C 143 -55.90 -23.36 11.21
CA VAL C 143 -54.48 -23.09 11.25
C VAL C 143 -53.75 -24.26 10.61
N LEU C 144 -52.99 -23.99 9.55
CA LEU C 144 -52.19 -24.98 8.85
C LEU C 144 -50.71 -24.69 9.06
N LEU C 145 -49.94 -25.73 9.35
CA LEU C 145 -48.51 -25.61 9.61
C LEU C 145 -47.73 -26.28 8.48
N MET C 146 -46.75 -25.56 7.94
CA MET C 146 -45.97 -26.02 6.80
C MET C 146 -44.49 -26.05 7.15
N ASP C 147 -43.78 -27.04 6.60
CA ASP C 147 -42.33 -27.16 6.73
C ASP C 147 -41.73 -27.18 5.34
N THR C 148 -41.04 -26.10 4.97
CA THR C 148 -40.43 -25.96 3.65
C THR C 148 -38.93 -26.18 3.76
N GLN C 149 -38.38 -27.02 2.91
CA GLN C 149 -36.99 -27.44 3.00
C GLN C 149 -36.34 -27.45 1.63
N GLY C 150 -35.13 -26.89 1.56
CA GLY C 150 -34.35 -26.87 0.34
C GLY C 150 -33.10 -26.01 0.50
N THR C 151 -32.09 -26.22 -0.35
CA THR C 151 -30.85 -25.47 -0.26
C THR C 151 -30.60 -24.72 -1.57
N PHE C 152 -29.95 -23.56 -1.45
CA PHE C 152 -29.55 -22.76 -2.59
C PHE C 152 -28.03 -22.70 -2.73
N ASP C 153 -27.34 -23.76 -2.30
CA ASP C 153 -25.88 -23.75 -2.29
C ASP C 153 -25.32 -23.73 -3.72
N SER C 154 -25.73 -24.69 -4.54
CA SER C 154 -25.19 -24.84 -5.89
C SER C 154 -26.16 -24.32 -6.94
N GLN C 155 -25.62 -24.05 -8.13
CA GLN C 155 -26.44 -23.60 -9.24
C GLN C 155 -27.29 -24.70 -9.84
N SER C 156 -27.00 -25.97 -9.53
CA SER C 156 -27.76 -27.07 -10.10
C SER C 156 -29.11 -27.25 -9.42
N THR C 157 -29.12 -27.25 -8.09
CA THR C 157 -30.34 -27.41 -7.31
C THR C 157 -31.06 -26.08 -7.08
N LEU C 158 -30.72 -25.04 -7.84
CA LEU C 158 -31.27 -23.72 -7.60
C LEU C 158 -32.71 -23.60 -8.12
N ARG C 159 -32.98 -24.14 -9.30
CA ARG C 159 -34.30 -24.03 -9.89
C ARG C 159 -35.33 -24.85 -9.12
N ASP C 160 -34.95 -26.04 -8.65
CA ASP C 160 -35.87 -26.88 -7.90
C ASP C 160 -36.27 -26.22 -6.58
N SER C 161 -35.29 -25.72 -5.84
CA SER C 161 -35.59 -25.10 -4.54
C SER C 161 -36.34 -23.79 -4.69
N ALA C 162 -36.09 -23.04 -5.77
CA ALA C 162 -36.79 -21.78 -5.97
C ALA C 162 -38.29 -22.00 -6.17
N THR C 163 -38.65 -23.00 -6.97
CA THR C 163 -40.07 -23.29 -7.18
C THR C 163 -40.74 -23.78 -5.91
N VAL C 164 -40.06 -24.64 -5.15
CA VAL C 164 -40.63 -25.15 -3.90
C VAL C 164 -40.86 -24.01 -2.91
N PHE C 165 -39.85 -23.16 -2.72
CA PHE C 165 -40.00 -22.03 -1.82
C PHE C 165 -41.01 -21.02 -2.35
N ALA C 166 -41.11 -20.88 -3.67
CA ALA C 166 -42.16 -20.04 -4.25
C ALA C 166 -43.54 -20.53 -3.87
N LEU C 167 -43.81 -21.82 -4.12
CA LEU C 167 -45.10 -22.40 -3.76
C LEU C 167 -45.38 -22.27 -2.28
N SER C 168 -44.34 -22.43 -1.45
CA SER C 168 -44.48 -22.20 -0.02
C SER C 168 -44.93 -20.78 0.27
N THR C 169 -44.29 -19.80 -0.38
CA THR C 169 -44.64 -18.40 -0.18
C THR C 169 -46.04 -18.09 -0.72
N MET C 170 -46.43 -18.76 -1.80
CA MET C 170 -47.74 -18.48 -2.39
C MET C 170 -48.88 -19.05 -1.57
N ILE C 171 -48.63 -20.14 -0.85
CA ILE C 171 -49.69 -20.80 -0.08
C ILE C 171 -49.78 -20.25 1.34
N SER C 172 -48.63 -20.00 1.96
CA SER C 172 -48.59 -19.55 3.34
C SER C 172 -49.02 -18.09 3.48
N SER C 173 -49.62 -17.76 4.62
CA SER C 173 -49.90 -16.38 4.96
C SER C 173 -48.79 -15.74 5.78
N ILE C 174 -47.96 -16.55 6.44
CA ILE C 174 -46.76 -16.09 7.14
C ILE C 174 -45.61 -16.98 6.72
N GLN C 175 -44.52 -16.39 6.25
CA GLN C 175 -43.34 -17.12 5.79
C GLN C 175 -42.18 -16.83 6.73
N VAL C 176 -41.75 -17.84 7.47
CA VAL C 176 -40.66 -17.71 8.43
C VAL C 176 -39.38 -18.17 7.74
N TYR C 177 -38.57 -17.22 7.31
CA TYR C 177 -37.30 -17.50 6.64
C TYR C 177 -36.28 -17.92 7.70
N ASN C 178 -35.99 -19.22 7.75
CA ASN C 178 -35.16 -19.79 8.82
C ASN C 178 -33.69 -19.70 8.41
N LEU C 179 -33.02 -18.66 8.88
CA LEU C 179 -31.60 -18.42 8.65
C LEU C 179 -30.85 -18.74 9.94
N SER C 180 -29.54 -18.89 9.83
CA SER C 180 -28.80 -19.43 10.97
C SER C 180 -28.08 -18.38 11.82
N GLN C 181 -26.96 -17.87 11.34
CA GLN C 181 -26.17 -16.90 12.09
C GLN C 181 -26.46 -15.45 11.74
N ASN C 182 -26.79 -15.15 10.48
CA ASN C 182 -26.97 -13.77 10.05
C ASN C 182 -27.79 -13.79 8.77
N VAL C 183 -28.19 -12.58 8.35
CA VAL C 183 -28.89 -12.39 7.08
C VAL C 183 -27.85 -11.84 6.11
N GLN C 184 -27.33 -12.72 5.25
CA GLN C 184 -26.28 -12.38 4.31
C GLN C 184 -26.87 -12.04 2.94
N GLU C 185 -26.02 -11.49 2.08
CA GLU C 185 -26.48 -11.02 0.78
C GLU C 185 -27.04 -12.17 -0.06
N ASP C 186 -26.37 -13.32 -0.04
CA ASP C 186 -26.88 -14.47 -0.79
C ASP C 186 -28.23 -14.92 -0.24
N ASP C 187 -28.46 -14.76 1.06
CA ASP C 187 -29.77 -15.07 1.62
C ASP C 187 -30.85 -14.19 1.02
N LEU C 188 -30.55 -12.90 0.83
CA LEU C 188 -31.52 -12.01 0.21
C LEU C 188 -31.66 -12.28 -1.28
N GLN C 189 -30.56 -12.63 -1.96
CA GLN C 189 -30.65 -12.98 -3.37
C GLN C 189 -31.55 -14.17 -3.59
N HIS C 190 -31.42 -15.21 -2.76
CA HIS C 190 -32.30 -16.36 -2.86
C HIS C 190 -33.74 -15.98 -2.54
N LEU C 191 -33.94 -15.15 -1.53
CA LEU C 191 -35.27 -14.64 -1.23
C LEU C 191 -35.87 -13.93 -2.44
N GLN C 192 -35.08 -13.07 -3.08
CA GLN C 192 -35.52 -12.42 -4.31
C GLN C 192 -35.80 -13.45 -5.41
N LEU C 193 -35.06 -14.56 -5.41
CA LEU C 193 -35.18 -15.54 -6.48
C LEU C 193 -36.54 -16.23 -6.45
N PHE C 194 -36.91 -16.84 -5.31
CA PHE C 194 -38.15 -17.60 -5.29
C PHE C 194 -39.39 -16.74 -5.12
N THR C 195 -39.26 -15.51 -4.62
CA THR C 195 -40.40 -14.62 -4.64
C THR C 195 -40.72 -14.16 -6.05
N GLU C 196 -39.71 -14.01 -6.91
CA GLU C 196 -39.96 -13.65 -8.30
C GLU C 196 -40.56 -14.82 -9.07
N TYR C 197 -40.12 -16.05 -8.75
CA TYR C 197 -40.77 -17.23 -9.31
C TYR C 197 -42.25 -17.25 -8.98
N GLY C 198 -42.60 -16.96 -7.73
CA GLY C 198 -44.00 -16.92 -7.35
C GLY C 198 -44.77 -15.83 -8.07
N ARG C 199 -44.15 -14.65 -8.24
CA ARG C 199 -44.82 -13.56 -8.93
C ARG C 199 -45.21 -13.94 -10.35
N LEU C 200 -44.32 -14.66 -11.05
CA LEU C 200 -44.57 -14.99 -12.45
C LEU C 200 -45.68 -16.02 -12.63
N ALA C 201 -46.03 -16.76 -11.58
CA ALA C 201 -47.10 -17.75 -11.67
C ALA C 201 -48.42 -17.26 -11.09
N MET C 202 -48.40 -16.27 -10.21
CA MET C 202 -49.61 -15.76 -9.59
C MET C 202 -50.39 -14.88 -10.57
N GLU C 203 -51.62 -14.58 -10.21
CA GLU C 203 -52.39 -13.58 -10.93
C GLU C 203 -51.78 -12.20 -10.70
N GLU C 204 -51.89 -11.35 -11.71
CA GLU C 204 -51.40 -9.99 -11.58
C GLU C 204 -52.15 -9.30 -10.47
N THR C 205 -51.41 -8.60 -9.60
CA THR C 205 -51.98 -7.97 -8.43
C THR C 205 -51.66 -6.48 -8.43
N PHE C 206 -52.67 -5.67 -8.08
CA PHE C 206 -52.48 -4.23 -7.97
C PHE C 206 -51.72 -3.87 -6.71
N LEU C 207 -52.02 -4.56 -5.60
CA LEU C 207 -51.29 -4.41 -4.35
C LEU C 207 -50.13 -5.42 -4.33
N LYS C 208 -49.54 -5.63 -3.16
CA LYS C 208 -48.40 -6.52 -3.06
C LYS C 208 -48.87 -7.98 -3.10
N PRO C 209 -48.04 -8.88 -3.66
CA PRO C 209 -48.51 -10.25 -3.89
C PRO C 209 -48.58 -11.12 -2.64
N PHE C 210 -47.70 -10.89 -1.68
CA PHE C 210 -47.64 -11.70 -0.47
C PHE C 210 -47.93 -10.83 0.75
N GLN C 211 -48.07 -11.49 1.91
CA GLN C 211 -48.52 -10.82 3.13
C GLN C 211 -47.39 -10.58 4.10
N SER C 212 -46.92 -11.62 4.79
CA SER C 212 -46.01 -11.47 5.92
C SER C 212 -44.77 -12.31 5.71
N LEU C 213 -43.60 -11.66 5.77
CA LEU C 213 -42.31 -12.32 5.78
C LEU C 213 -41.61 -12.06 7.11
N ILE C 214 -40.93 -13.08 7.64
CA ILE C 214 -40.26 -12.98 8.93
C ILE C 214 -38.87 -13.60 8.80
N PHE C 215 -37.84 -12.82 9.10
CA PHE C 215 -36.46 -13.31 9.17
C PHE C 215 -36.21 -13.87 10.57
N LEU C 216 -36.09 -15.19 10.67
CA LEU C 216 -35.77 -15.84 11.94
C LEU C 216 -34.28 -16.21 11.92
N VAL C 217 -33.48 -15.42 12.61
CA VAL C 217 -32.04 -15.67 12.72
C VAL C 217 -31.83 -16.61 13.91
N ARG C 218 -31.32 -17.81 13.64
CA ARG C 218 -31.47 -18.91 14.60
C ARG C 218 -30.42 -18.89 15.69
N ASP C 219 -29.15 -18.64 15.36
CA ASP C 219 -28.11 -18.66 16.39
C ASP C 219 -27.49 -17.29 16.58
N TRP C 220 -28.30 -16.31 16.96
CA TRP C 220 -27.81 -14.94 17.10
C TRP C 220 -26.84 -14.87 18.27
N SER C 221 -25.62 -14.39 18.00
CA SER C 221 -24.55 -14.38 18.99
C SER C 221 -24.04 -12.97 19.30
N PHE C 222 -24.81 -11.94 18.94
CA PHE C 222 -24.43 -10.55 19.22
C PHE C 222 -25.59 -9.81 19.88
N PRO C 223 -25.99 -10.22 21.09
CA PRO C 223 -27.06 -9.49 21.79
C PRO C 223 -26.62 -8.12 22.28
N TYR C 224 -25.32 -7.84 22.29
CA TYR C 224 -24.80 -6.53 22.67
C TYR C 224 -24.89 -5.51 21.54
N GLU C 225 -25.26 -5.93 20.34
CA GLU C 225 -25.55 -5.01 19.23
C GLU C 225 -27.05 -4.90 18.98
N PHE C 226 -27.74 -6.04 18.91
CA PHE C 226 -29.19 -6.07 18.80
C PHE C 226 -29.70 -7.15 19.74
N SER C 227 -30.64 -6.78 20.61
CA SER C 227 -31.13 -7.70 21.63
C SER C 227 -31.88 -8.86 20.99
N TYR C 228 -31.92 -9.99 21.70
CA TYR C 228 -32.74 -11.11 21.28
C TYR C 228 -34.20 -10.68 21.19
N GLY C 229 -34.91 -11.23 20.21
CA GLY C 229 -36.33 -11.02 20.08
C GLY C 229 -36.72 -10.23 18.86
N ALA C 230 -37.93 -9.67 18.92
CA ALA C 230 -38.49 -8.95 17.77
C ALA C 230 -38.02 -7.50 17.73
N ASP C 231 -37.87 -6.87 18.89
CA ASP C 231 -37.42 -5.48 18.91
C ASP C 231 -35.99 -5.36 18.40
N GLY C 232 -35.08 -6.20 18.92
CA GLY C 232 -33.73 -6.22 18.40
C GLY C 232 -33.69 -6.62 16.93
N GLY C 233 -34.53 -7.57 16.53
CA GLY C 233 -34.59 -7.97 15.14
C GLY C 233 -35.10 -6.85 14.24
N ALA C 234 -36.02 -6.03 14.74
CA ALA C 234 -36.53 -4.92 13.96
C ALA C 234 -35.44 -3.89 13.69
N LYS C 235 -34.67 -3.54 14.73
CA LYS C 235 -33.56 -2.61 14.55
C LYS C 235 -32.46 -3.23 13.68
N PHE C 236 -32.21 -4.52 13.86
CA PHE C 236 -31.23 -5.21 13.03
C PHE C 236 -31.64 -5.20 11.56
N LEU C 237 -32.88 -5.60 11.28
CA LEU C 237 -33.35 -5.63 9.90
C LEU C 237 -33.45 -4.25 9.30
N GLU C 238 -33.69 -3.22 10.11
CA GLU C 238 -33.70 -1.85 9.62
C GLU C 238 -32.35 -1.49 9.01
N LYS C 239 -31.27 -1.79 9.72
CA LYS C 239 -29.94 -1.52 9.19
C LYS C 239 -29.64 -2.39 7.97
N ARG C 240 -30.12 -3.64 7.98
CA ARG C 240 -29.83 -4.55 6.89
C ARG C 240 -30.51 -4.12 5.59
N LEU C 241 -31.83 -3.94 5.64
CA LEU C 241 -32.60 -3.64 4.44
C LEU C 241 -32.65 -2.16 4.07
N LYS C 242 -31.86 -1.33 4.75
CA LYS C 242 -31.78 0.08 4.40
C LYS C 242 -31.13 0.25 3.03
N VAL C 243 -31.68 1.15 2.23
CA VAL C 243 -31.15 1.48 0.92
C VAL C 243 -30.41 2.82 1.01
N SER C 244 -29.16 2.84 0.57
CA SER C 244 -28.33 4.03 0.66
C SER C 244 -27.71 4.33 -0.70
N GLY C 245 -27.35 5.60 -0.88
CA GLY C 245 -26.75 6.03 -2.14
C GLY C 245 -25.35 5.51 -2.35
N ASN C 246 -24.64 5.18 -1.28
CA ASN C 246 -23.29 4.62 -1.37
C ASN C 246 -23.28 3.11 -1.53
N GLN C 247 -24.43 2.46 -1.44
CA GLN C 247 -24.51 1.03 -1.68
C GLN C 247 -24.35 0.72 -3.16
N HIS C 248 -23.89 -0.49 -3.45
CA HIS C 248 -23.81 -0.95 -4.82
C HIS C 248 -25.22 -1.09 -5.42
N GLU C 249 -25.28 -1.05 -6.76
CA GLU C 249 -26.57 -1.11 -7.44
C GLU C 249 -27.30 -2.41 -7.14
N GLU C 250 -26.58 -3.54 -7.18
CA GLU C 250 -27.21 -4.83 -6.87
C GLU C 250 -27.70 -4.88 -5.43
N LEU C 251 -27.07 -4.10 -4.55
CA LEU C 251 -27.44 -4.13 -3.13
C LEU C 251 -28.78 -3.43 -2.91
N GLN C 252 -29.04 -2.36 -3.66
CA GLN C 252 -30.30 -1.63 -3.52
C GLN C 252 -31.46 -2.36 -4.18
N ASN C 253 -31.21 -2.99 -5.34
CA ASN C 253 -32.30 -3.56 -6.12
C ASN C 253 -32.92 -4.78 -5.44
N VAL C 254 -32.11 -5.57 -4.73
CA VAL C 254 -32.67 -6.72 -4.02
C VAL C 254 -33.49 -6.26 -2.82
N ARG C 255 -33.14 -5.13 -2.22
CA ARG C 255 -33.88 -4.63 -1.07
C ARG C 255 -35.19 -3.97 -1.50
N LYS C 256 -35.16 -3.21 -2.60
CA LYS C 256 -36.39 -2.67 -3.18
C LYS C 256 -37.34 -3.79 -3.59
N HIS C 257 -36.79 -4.90 -4.08
CA HIS C 257 -37.62 -6.01 -4.53
C HIS C 257 -38.31 -6.70 -3.35
N ILE C 258 -37.57 -6.95 -2.27
CA ILE C 258 -38.13 -7.68 -1.13
C ILE C 258 -39.29 -6.92 -0.51
N HIS C 259 -39.14 -5.60 -0.37
CA HIS C 259 -40.21 -4.79 0.21
C HIS C 259 -41.45 -4.76 -0.68
N SER C 260 -41.28 -4.83 -2.00
CA SER C 260 -42.41 -4.80 -2.91
C SER C 260 -43.18 -6.11 -2.93
N CYS C 261 -42.68 -7.16 -2.27
CA CYS C 261 -43.32 -8.46 -2.29
C CYS C 261 -44.17 -8.74 -1.07
N PHE C 262 -43.88 -8.11 0.07
CA PHE C 262 -44.55 -8.39 1.32
C PHE C 262 -45.08 -7.10 1.92
N THR C 263 -46.36 -7.12 2.34
CA THR C 263 -46.93 -5.95 2.99
C THR C 263 -46.29 -5.69 4.35
N ASN C 264 -45.90 -6.75 5.06
CA ASN C 264 -45.22 -6.62 6.34
C ASN C 264 -43.99 -7.52 6.36
N ILE C 265 -42.88 -6.98 6.88
CA ILE C 265 -41.63 -7.71 7.01
C ILE C 265 -41.11 -7.51 8.44
N SER C 266 -40.83 -8.62 9.13
CA SER C 266 -40.38 -8.59 10.51
C SER C 266 -39.12 -9.43 10.65
N CYS C 267 -38.53 -9.38 11.84
CA CYS C 267 -37.32 -10.13 12.12
C CYS C 267 -37.27 -10.44 13.61
N PHE C 268 -36.89 -11.69 13.92
CA PHE C 268 -36.79 -12.16 15.30
C PHE C 268 -35.41 -12.80 15.47
N LEU C 269 -34.63 -12.28 16.42
CA LEU C 269 -33.30 -12.80 16.72
C LEU C 269 -33.41 -13.83 17.83
N LEU C 270 -33.21 -15.11 17.47
CA LEU C 270 -33.35 -16.19 18.44
C LEU C 270 -31.97 -16.61 18.94
N PRO C 271 -31.78 -16.81 20.24
CA PRO C 271 -30.47 -17.24 20.75
C PRO C 271 -30.23 -18.72 20.48
N HIS C 272 -29.01 -19.17 20.85
CA HIS C 272 -28.54 -20.54 20.70
C HIS C 272 -29.18 -21.43 21.78
N PRO C 273 -29.62 -22.63 21.42
CA PRO C 273 -30.33 -23.48 22.40
C PRO C 273 -29.41 -24.23 23.36
N GLY C 274 -28.10 -24.17 23.17
CA GLY C 274 -27.18 -24.91 24.00
C GLY C 274 -26.57 -26.09 23.23
N LEU C 275 -25.48 -26.62 23.80
CA LEU C 275 -24.74 -27.66 23.10
C LEU C 275 -25.44 -29.01 23.16
N LYS C 276 -26.25 -29.25 24.20
CA LYS C 276 -26.99 -30.50 24.26
C LYS C 276 -28.03 -30.59 23.15
N VAL C 277 -28.73 -29.48 22.89
CA VAL C 277 -29.68 -29.47 21.77
C VAL C 277 -28.94 -29.49 20.44
N ALA C 278 -27.83 -28.76 20.34
CA ALA C 278 -27.18 -28.56 19.05
C ALA C 278 -26.49 -29.83 18.55
N THR C 279 -26.01 -30.67 19.45
CA THR C 279 -25.24 -31.85 19.06
C THR C 279 -26.02 -33.16 19.19
N ASN C 280 -27.29 -33.10 19.61
CA ASN C 280 -28.09 -34.31 19.76
C ASN C 280 -29.07 -34.42 18.60
N PRO C 281 -29.03 -35.49 17.80
CA PRO C 281 -30.05 -35.67 16.76
C PRO C 281 -31.34 -36.13 17.41
N ASN C 282 -32.44 -35.43 17.10
CA ASN C 282 -33.71 -35.70 17.76
C ASN C 282 -33.56 -35.55 19.27
N PHE C 283 -33.56 -34.31 19.74
CA PHE C 283 -33.28 -34.01 21.14
C PHE C 283 -34.40 -34.54 22.04
N ASP C 284 -34.03 -35.33 23.04
CA ASP C 284 -34.99 -35.94 23.96
C ASP C 284 -34.71 -35.62 25.42
N GLY C 285 -33.80 -34.69 25.70
CA GLY C 285 -33.45 -34.36 27.06
C GLY C 285 -34.49 -33.52 27.76
N LYS C 286 -34.18 -33.19 29.02
CA LYS C 286 -35.09 -32.38 29.82
C LYS C 286 -35.13 -30.95 29.29
N LEU C 287 -36.25 -30.27 29.57
CA LEU C 287 -36.39 -28.88 29.14
C LEU C 287 -35.37 -27.98 29.82
N LYS C 288 -34.96 -28.32 31.05
CA LYS C 288 -33.92 -27.55 31.72
C LYS C 288 -32.60 -27.62 30.98
N GLU C 289 -32.35 -28.69 30.23
CA GLU C 289 -31.11 -28.85 29.49
C GLU C 289 -31.05 -27.98 28.24
N ILE C 290 -32.14 -27.29 27.90
CA ILE C 290 -32.14 -26.27 26.87
C ILE C 290 -31.77 -24.94 27.52
N ASP C 291 -31.02 -24.11 26.80
CA ASP C 291 -30.55 -22.86 27.37
C ASP C 291 -31.74 -22.00 27.80
N ASP C 292 -31.61 -21.37 28.98
CA ASP C 292 -32.73 -20.63 29.55
C ASP C 292 -33.10 -19.43 28.68
N GLU C 293 -32.11 -18.73 28.14
CA GLU C 293 -32.40 -17.60 27.26
C GLU C 293 -33.13 -18.05 26.00
N PHE C 294 -32.83 -19.25 25.51
CA PHE C 294 -33.54 -19.78 24.35
C PHE C 294 -35.01 -20.00 24.67
N ILE C 295 -35.29 -20.65 25.80
CA ILE C 295 -36.67 -20.89 26.20
C ILE C 295 -37.39 -19.58 26.44
N LYS C 296 -36.71 -18.63 27.07
CA LYS C 296 -37.33 -17.33 27.36
C LYS C 296 -37.80 -16.63 26.09
N ASN C 297 -36.95 -16.64 25.06
CA ASN C 297 -37.32 -15.98 23.81
C ASN C 297 -38.23 -16.87 22.96
N LEU C 298 -38.11 -18.20 23.10
CA LEU C 298 -39.05 -19.09 22.42
C LEU C 298 -40.46 -18.92 22.97
N LYS C 299 -40.59 -18.69 24.28
CA LYS C 299 -41.90 -18.46 24.88
C LYS C 299 -42.58 -17.23 24.32
N ILE C 300 -41.83 -16.28 23.77
CA ILE C 300 -42.43 -15.11 23.16
C ILE C 300 -42.41 -15.17 21.64
N LEU C 301 -41.59 -16.04 21.04
CA LEU C 301 -41.58 -16.18 19.59
C LEU C 301 -42.82 -16.91 19.10
N ILE C 302 -43.16 -18.03 19.73
CA ILE C 302 -44.27 -18.86 19.24
C ILE C 302 -45.60 -18.13 19.30
N PRO C 303 -46.01 -17.53 20.42
CA PRO C 303 -47.27 -16.76 20.40
C PRO C 303 -47.20 -15.53 19.52
N TRP C 304 -46.01 -14.93 19.36
CA TRP C 304 -45.84 -13.84 18.41
C TRP C 304 -46.26 -14.27 17.01
N LEU C 305 -46.17 -15.57 16.70
CA LEU C 305 -46.58 -16.14 15.43
C LEU C 305 -48.01 -16.66 15.45
N LEU C 306 -48.43 -17.30 16.54
CA LEU C 306 -49.63 -18.14 16.53
C LEU C 306 -50.68 -17.74 17.55
N SER C 307 -50.52 -16.61 18.24
CA SER C 307 -51.56 -16.15 19.14
C SER C 307 -52.80 -15.78 18.33
N PRO C 308 -54.00 -15.97 18.90
CA PRO C 308 -55.22 -15.68 18.12
C PRO C 308 -55.26 -14.26 17.59
N GLU C 309 -54.59 -13.32 18.26
CA GLU C 309 -54.55 -11.95 17.78
C GLU C 309 -53.60 -11.79 16.59
N SER C 310 -52.53 -12.57 16.55
CA SER C 310 -51.52 -12.49 15.49
C SER C 310 -51.84 -13.36 14.28
N LEU C 311 -52.94 -14.10 14.32
CA LEU C 311 -53.30 -14.97 13.20
C LEU C 311 -53.78 -14.13 12.02
N ASP C 312 -53.05 -14.20 10.92
CA ASP C 312 -53.38 -13.50 9.69
C ASP C 312 -54.06 -14.47 8.73
N ILE C 313 -55.28 -14.14 8.31
CA ILE C 313 -56.00 -14.98 7.36
C ILE C 313 -55.29 -14.92 6.02
N LYS C 314 -55.04 -16.07 5.42
CA LYS C 314 -54.44 -16.09 4.10
C LYS C 314 -55.38 -15.45 3.09
N GLU C 315 -54.87 -14.50 2.32
CA GLU C 315 -55.64 -13.86 1.27
C GLU C 315 -54.81 -13.80 -0.02
N ILE C 316 -55.47 -14.09 -1.13
CA ILE C 316 -54.84 -14.06 -2.45
C ILE C 316 -55.66 -13.14 -3.33
N ASN C 317 -55.02 -12.11 -3.89
CA ASN C 317 -55.67 -11.13 -4.75
C ASN C 317 -56.79 -10.39 -4.01
N GLY C 318 -56.66 -10.26 -2.70
CA GLY C 318 -57.60 -9.51 -1.90
C GLY C 318 -58.76 -10.31 -1.33
N ASN C 319 -58.82 -11.61 -1.58
CA ASN C 319 -59.90 -12.46 -1.09
C ASN C 319 -59.39 -13.35 0.02
N LYS C 320 -60.10 -13.34 1.15
CA LYS C 320 -59.76 -14.27 2.23
C LYS C 320 -59.99 -15.70 1.76
N ILE C 321 -58.96 -16.52 1.91
CA ILE C 321 -58.95 -17.87 1.34
C ILE C 321 -59.41 -18.85 2.40
N THR C 322 -60.22 -19.82 1.99
CA THR C 322 -60.65 -20.91 2.85
C THR C 322 -59.76 -22.15 2.62
N CYS C 323 -59.94 -23.14 3.49
CA CYS C 323 -59.17 -24.38 3.36
C CYS C 323 -59.38 -25.03 1.99
N ARG C 324 -60.64 -25.12 1.56
CA ARG C 324 -60.93 -25.67 0.24
C ARG C 324 -60.30 -24.82 -0.86
N GLY C 325 -60.38 -23.49 -0.73
CA GLY C 325 -59.80 -22.62 -1.73
C GLY C 325 -58.30 -22.70 -1.78
N LEU C 326 -57.65 -22.91 -0.63
CA LEU C 326 -56.20 -23.01 -0.60
C LEU C 326 -55.71 -24.22 -1.40
N VAL C 327 -56.46 -25.33 -1.33
CA VAL C 327 -56.12 -26.50 -2.12
C VAL C 327 -56.29 -26.20 -3.61
N GLU C 328 -57.35 -25.47 -3.97
CA GLU C 328 -57.58 -25.12 -5.37
C GLU C 328 -56.42 -24.28 -5.91
N TYR C 329 -55.95 -23.32 -5.14
CA TYR C 329 -54.81 -22.51 -5.57
C TYR C 329 -53.53 -23.34 -5.63
N PHE C 330 -53.36 -24.28 -4.69
CA PHE C 330 -52.18 -25.14 -4.72
C PHE C 330 -52.15 -25.99 -5.98
N LYS C 331 -53.30 -26.55 -6.37
CA LYS C 331 -53.36 -27.35 -7.60
C LYS C 331 -53.10 -26.48 -8.83
N ALA C 332 -53.64 -25.26 -8.83
CA ALA C 332 -53.47 -24.39 -9.99
C ALA C 332 -52.03 -23.91 -10.11
N TYR C 333 -51.42 -23.51 -8.98
CA TYR C 333 -50.04 -23.03 -9.02
C TYR C 333 -49.08 -24.13 -9.45
N ILE C 334 -49.25 -25.35 -8.93
CA ILE C 334 -48.33 -26.43 -9.27
C ILE C 334 -48.48 -26.83 -10.73
N LYS C 335 -49.68 -26.67 -11.30
CA LYS C 335 -49.88 -27.03 -12.71
C LYS C 335 -49.18 -26.05 -13.64
N ILE C 336 -49.02 -24.79 -13.21
CA ILE C 336 -48.32 -23.81 -14.04
C ILE C 336 -46.85 -24.17 -14.17
N TYR C 337 -46.23 -24.63 -13.08
CA TYR C 337 -44.82 -24.98 -13.10
C TYR C 337 -44.54 -26.30 -13.82
N GLN C 338 -45.57 -27.05 -14.18
CA GLN C 338 -45.40 -28.32 -14.89
C GLN C 338 -45.67 -28.20 -16.38
N GLY C 339 -46.83 -27.68 -16.76
CA GLY C 339 -47.19 -27.53 -18.16
C GLY C 339 -46.70 -26.25 -18.78
N LYS D 32 8.60 49.76 8.56
CA LYS D 32 8.69 48.30 8.52
C LYS D 32 8.59 47.77 7.09
N ALA D 33 9.74 47.56 6.46
CA ALA D 33 9.79 47.04 5.10
C ALA D 33 9.96 45.53 5.11
N GLY D 34 9.52 44.90 4.02
CA GLY D 34 9.60 43.47 3.90
C GLY D 34 9.33 42.98 2.49
N PRO D 35 9.48 41.68 2.26
CA PRO D 35 9.21 41.13 0.92
C PRO D 35 7.72 41.04 0.65
N VAL D 36 7.35 41.34 -0.60
CA VAL D 36 5.97 41.35 -1.03
C VAL D 36 5.82 40.38 -2.20
N GLN D 37 4.92 39.41 -2.05
CA GLN D 37 4.64 38.45 -3.12
C GLN D 37 3.84 39.14 -4.21
N VAL D 38 4.48 39.34 -5.37
CA VAL D 38 3.86 40.07 -6.48
C VAL D 38 3.32 39.12 -7.53
N LEU D 39 4.04 38.04 -7.81
CA LEU D 39 3.62 37.05 -8.79
C LEU D 39 3.64 35.67 -8.15
N ILE D 40 2.59 34.88 -8.40
CA ILE D 40 2.48 33.53 -7.86
C ILE D 40 1.71 32.68 -8.87
N VAL D 41 1.89 31.36 -8.78
CA VAL D 41 1.20 30.42 -9.65
C VAL D 41 0.16 29.70 -8.79
N LYS D 42 -1.11 29.98 -9.06
CA LYS D 42 -2.20 29.37 -8.31
C LYS D 42 -2.28 27.88 -8.59
N ASP D 43 -3.05 27.18 -7.76
CA ASP D 43 -3.17 25.73 -7.86
C ASP D 43 -3.79 25.29 -9.19
N ASP D 44 -4.53 26.18 -9.85
CA ASP D 44 -5.05 25.92 -11.18
C ASP D 44 -4.00 26.03 -12.26
N HIS D 45 -2.74 26.22 -11.87
CA HIS D 45 -1.61 26.42 -12.80
C HIS D 45 -1.82 27.66 -13.66
N SER D 46 -2.55 28.63 -13.14
CA SER D 46 -2.69 29.96 -13.71
C SER D 46 -1.80 30.94 -12.96
N PHE D 47 -1.59 32.11 -13.55
CA PHE D 47 -0.67 33.10 -13.04
C PHE D 47 -1.46 34.30 -12.53
N GLU D 48 -1.33 34.60 -11.24
CA GLU D 48 -2.00 35.72 -10.61
C GLU D 48 -0.98 36.79 -10.26
N LEU D 49 -1.24 38.01 -10.70
CA LEU D 49 -0.39 39.16 -10.43
C LEU D 49 -1.10 40.08 -9.44
N ASP D 50 -0.52 40.25 -8.26
CA ASP D 50 -1.07 41.14 -7.24
C ASP D 50 -0.94 42.59 -7.69
N GLU D 51 -1.93 43.08 -8.43
CA GLU D 51 -1.85 44.44 -8.96
C GLU D 51 -1.91 45.48 -7.84
N THR D 52 -2.68 45.22 -6.77
CA THR D 52 -2.78 46.18 -5.69
C THR D 52 -1.44 46.37 -4.98
N ALA D 53 -0.70 45.28 -4.76
CA ALA D 53 0.60 45.40 -4.12
C ALA D 53 1.63 46.03 -5.04
N LEU D 54 1.58 45.70 -6.34
CA LEU D 54 2.48 46.33 -7.31
C LEU D 54 2.31 47.84 -7.29
N ASN D 55 1.07 48.32 -7.37
CA ASN D 55 0.82 49.76 -7.40
C ASN D 55 1.22 50.43 -6.09
N ARG D 56 1.01 49.75 -4.96
CA ARG D 56 1.33 50.36 -3.67
C ARG D 56 2.82 50.66 -3.55
N ILE D 57 3.67 49.91 -4.25
CA ILE D 57 5.11 50.04 -4.14
C ILE D 57 5.68 50.93 -5.25
N LEU D 58 5.31 50.65 -6.50
CA LEU D 58 5.94 51.29 -7.65
C LEU D 58 5.19 52.51 -8.17
N LEU D 59 3.95 52.74 -7.73
CA LEU D 59 3.17 53.86 -8.22
C LEU D 59 3.04 55.00 -7.22
N SER D 60 3.75 54.93 -6.08
CA SER D 60 3.73 56.05 -5.15
C SER D 60 4.32 57.29 -5.80
N GLU D 61 3.76 58.45 -5.42
CA GLU D 61 4.13 59.71 -6.08
C GLU D 61 5.62 60.01 -5.97
N ALA D 62 6.28 59.50 -4.93
CA ALA D 62 7.69 59.79 -4.72
C ALA D 62 8.62 59.01 -5.65
N VAL D 63 8.09 58.02 -6.38
CA VAL D 63 8.96 57.11 -7.12
C VAL D 63 8.33 56.69 -8.44
N ARG D 64 7.06 57.05 -8.64
CA ARG D 64 6.33 56.58 -9.81
C ARG D 64 6.92 57.13 -11.11
N ASP D 65 7.54 58.31 -11.07
CA ASP D 65 8.02 58.98 -12.26
C ASP D 65 9.54 58.91 -12.40
N LYS D 66 10.18 57.93 -11.76
CA LYS D 66 11.62 57.80 -11.75
C LYS D 66 12.05 56.60 -12.59
N GLU D 67 13.11 56.77 -13.38
CA GLU D 67 13.64 55.66 -14.16
C GLU D 67 14.11 54.56 -13.23
N VAL D 68 13.78 53.32 -13.58
CA VAL D 68 13.87 52.19 -12.65
C VAL D 68 15.05 51.30 -13.03
N VAL D 69 15.72 50.78 -12.00
CA VAL D 69 16.70 49.72 -12.14
C VAL D 69 16.16 48.51 -11.38
N ALA D 70 16.01 47.39 -12.09
CA ALA D 70 15.40 46.19 -11.52
C ALA D 70 16.44 45.07 -11.52
N VAL D 71 16.86 44.65 -10.33
CA VAL D 71 17.84 43.58 -10.16
C VAL D 71 17.12 42.37 -9.61
N SER D 72 17.24 41.24 -10.31
CA SER D 72 16.55 40.01 -9.93
C SER D 72 17.57 38.92 -9.61
N VAL D 73 17.31 38.18 -8.54
CA VAL D 73 18.06 36.98 -8.21
C VAL D 73 17.13 35.79 -8.44
N ALA D 74 17.44 34.98 -9.45
CA ALA D 74 16.58 33.90 -9.89
C ALA D 74 17.28 32.56 -9.69
N GLY D 75 16.55 31.59 -9.17
CA GLY D 75 17.11 30.27 -8.96
C GLY D 75 16.14 29.38 -8.23
N ALA D 76 16.58 28.15 -7.99
CA ALA D 76 15.76 27.16 -7.33
C ALA D 76 15.66 27.45 -5.83
N PHE D 77 14.69 26.79 -5.19
CA PHE D 77 14.48 26.95 -3.76
C PHE D 77 15.67 26.41 -2.98
N ARG D 78 16.01 27.11 -1.89
CA ARG D 78 17.09 26.70 -0.99
C ARG D 78 18.45 26.69 -1.69
N LYS D 79 18.71 27.74 -2.47
CA LYS D 79 19.98 27.89 -3.17
C LYS D 79 20.75 29.14 -2.75
N GLY D 80 20.35 29.78 -1.66
CA GLY D 80 21.07 30.92 -1.15
C GLY D 80 20.57 32.28 -1.60
N LYS D 81 19.33 32.37 -2.10
CA LYS D 81 18.85 33.63 -2.64
C LYS D 81 18.53 34.63 -1.53
N SER D 82 17.72 34.21 -0.55
CA SER D 82 17.35 35.11 0.54
C SER D 82 18.59 35.58 1.31
N PHE D 83 19.51 34.66 1.60
CA PHE D 83 20.73 35.03 2.31
C PHE D 83 21.52 36.08 1.54
N LEU D 84 21.55 35.95 0.20
CA LEU D 84 22.29 36.93 -0.60
C LEU D 84 21.59 38.28 -0.62
N MET D 85 20.26 38.28 -0.79
CA MET D 85 19.53 39.53 -0.90
C MET D 85 19.48 40.30 0.42
N ASP D 86 19.65 39.61 1.55
CA ASP D 86 19.77 40.33 2.82
C ASP D 86 21.04 41.20 2.85
N PHE D 87 22.10 40.75 2.17
CA PHE D 87 23.31 41.57 2.08
C PHE D 87 23.16 42.69 1.05
N MET D 88 22.39 42.46 0.00
CA MET D 88 22.07 43.54 -0.93
C MET D 88 21.28 44.65 -0.23
N LEU D 89 20.38 44.26 0.67
CA LEU D 89 19.66 45.25 1.47
C LEU D 89 20.60 46.02 2.38
N ARG D 90 21.57 45.33 2.99
CA ARG D 90 22.54 46.01 3.83
C ARG D 90 23.33 47.06 3.05
N TYR D 91 23.63 46.76 1.78
CA TYR D 91 24.33 47.74 0.95
C TYR D 91 23.42 48.91 0.59
N MET D 92 22.17 48.63 0.22
CA MET D 92 21.26 49.70 -0.19
C MET D 92 20.91 50.63 0.96
N TYR D 93 20.86 50.11 2.19
CA TYR D 93 20.52 50.92 3.35
C TYR D 93 21.73 51.61 3.98
N ASN D 94 22.95 51.24 3.58
CA ASN D 94 24.17 51.83 4.13
C ASN D 94 25.18 52.03 3.01
N GLN D 95 24.73 52.60 1.89
CA GLN D 95 25.60 52.77 0.74
C GLN D 95 26.74 53.74 1.05
N GLU D 96 26.46 54.79 1.82
CA GLU D 96 27.46 55.80 2.16
C GLU D 96 28.34 55.40 3.33
N SER D 97 28.30 54.13 3.74
CA SER D 97 29.13 53.61 4.82
C SER D 97 30.17 52.64 4.26
N VAL D 98 31.40 52.77 4.75
CA VAL D 98 32.49 51.93 4.25
C VAL D 98 32.27 50.48 4.67
N ASP D 99 31.89 50.26 5.92
CA ASP D 99 31.66 48.90 6.43
C ASP D 99 30.16 48.58 6.47
N TRP D 100 29.54 48.71 5.29
CA TRP D 100 28.11 48.43 5.16
C TRP D 100 27.78 46.98 5.50
N VAL D 101 28.74 46.07 5.40
CA VAL D 101 28.45 44.67 5.66
C VAL D 101 28.11 44.44 7.12
N GLY D 102 28.67 45.25 8.02
CA GLY D 102 28.35 45.19 9.43
C GLY D 102 29.60 44.98 10.28
N ASP D 103 29.38 44.90 11.59
CA ASP D 103 30.46 44.67 12.52
C ASP D 103 30.89 43.20 12.46
N TYR D 104 32.21 43.00 12.38
CA TYR D 104 32.75 41.64 12.26
C TYR D 104 32.45 40.79 13.48
N ASN D 105 32.29 41.42 14.65
CA ASN D 105 32.10 40.70 15.91
C ASN D 105 30.66 40.70 16.39
N GLU D 106 29.73 41.21 15.60
CA GLU D 106 28.34 41.29 15.97
C GLU D 106 27.47 40.55 14.97
N PRO D 107 26.28 40.08 15.39
CA PRO D 107 25.40 39.38 14.44
C PRO D 107 24.95 40.26 13.29
N LEU D 108 24.19 39.69 12.36
CA LEU D 108 23.73 40.42 11.19
C LEU D 108 22.58 41.35 11.59
N THR D 109 22.55 42.53 10.98
CA THR D 109 21.58 43.57 11.32
C THR D 109 20.91 44.07 10.05
N GLY D 110 19.61 44.33 10.16
CA GLY D 110 18.82 44.85 9.07
C GLY D 110 17.59 43.99 8.80
N PHE D 111 16.82 44.42 7.79
CA PHE D 111 15.64 43.69 7.37
C PHE D 111 16.04 42.37 6.71
N SER D 112 15.04 41.52 6.48
CA SER D 112 15.30 40.17 6.00
C SER D 112 14.18 39.71 5.06
N TRP D 113 14.56 38.96 4.04
CA TRP D 113 13.59 38.26 3.20
C TRP D 113 13.06 37.00 3.85
N ARG D 114 13.84 36.40 4.75
CA ARG D 114 13.52 35.11 5.33
C ARG D 114 12.34 35.18 6.28
N GLU D 118 9.49 29.36 5.31
CA GLU D 118 10.05 28.19 4.68
C GLU D 118 9.11 27.65 3.60
N ARG D 119 8.28 28.53 3.05
CA ARG D 119 7.34 28.15 2.01
C ARG D 119 8.03 28.11 0.65
N GLU D 120 7.88 26.99 -0.05
CA GLU D 120 8.46 26.83 -1.38
C GLU D 120 7.43 27.29 -2.41
N THR D 121 7.32 28.61 -2.57
CA THR D 121 6.34 29.22 -3.46
C THR D 121 7.03 29.62 -4.75
N THR D 122 6.55 29.08 -5.87
CA THR D 122 7.04 29.45 -7.19
C THR D 122 6.44 30.78 -7.60
N GLY D 123 7.28 31.79 -7.81
CA GLY D 123 6.80 33.09 -8.23
C GLY D 123 7.87 34.14 -8.11
N ILE D 124 7.44 35.40 -7.97
CA ILE D 124 8.34 36.53 -7.84
C ILE D 124 7.87 37.37 -6.66
N GLN D 125 8.80 37.70 -5.75
CA GLN D 125 8.54 38.66 -4.70
C GLN D 125 9.52 39.82 -4.84
N ILE D 126 9.05 41.02 -4.50
CA ILE D 126 9.85 42.23 -4.57
C ILE D 126 9.91 42.89 -3.20
N TRP D 127 10.93 43.72 -3.01
CA TRP D 127 11.10 44.46 -1.77
C TRP D 127 10.16 45.65 -1.73
N SER D 128 9.57 45.89 -0.54
CA SER D 128 8.52 46.89 -0.41
C SER D 128 9.06 48.32 -0.50
N GLU D 129 10.31 48.54 -0.07
CA GLU D 129 10.90 49.87 -0.12
C GLU D 129 11.78 50.00 -1.36
N ILE D 130 11.52 51.02 -2.17
CA ILE D 130 12.29 51.31 -3.37
C ILE D 130 13.34 52.37 -3.04
N PHE D 131 14.58 52.10 -3.42
CA PHE D 131 15.70 52.96 -3.08
C PHE D 131 15.92 54.00 -4.16
N LEU D 132 16.09 55.26 -3.74
CA LEU D 132 16.39 56.36 -4.66
C LEU D 132 17.88 56.65 -4.58
N ILE D 133 18.61 56.31 -5.63
CA ILE D 133 20.07 56.46 -5.69
C ILE D 133 20.42 57.55 -6.69
N ASN D 134 21.20 58.53 -6.25
CA ASN D 134 21.77 59.52 -7.16
C ASN D 134 22.93 58.90 -7.91
N LYS D 135 22.80 58.81 -9.24
CA LYS D 135 23.83 58.25 -10.08
C LYS D 135 25.00 59.24 -10.17
N PRO D 136 26.16 58.80 -10.68
CA PRO D 136 27.27 59.73 -10.90
C PRO D 136 26.95 60.88 -11.85
N ASP D 137 25.98 60.74 -12.75
CA ASP D 137 25.61 61.83 -13.64
C ASP D 137 24.64 62.83 -13.01
N GLY D 138 24.26 62.64 -11.76
CA GLY D 138 23.37 63.58 -11.11
C GLY D 138 21.90 63.34 -11.36
N LYS D 139 21.49 62.10 -11.58
CA LYS D 139 20.11 61.76 -11.85
C LYS D 139 19.64 60.74 -10.83
N LYS D 140 18.44 60.95 -10.27
CA LYS D 140 17.91 60.04 -9.27
C LYS D 140 17.16 58.91 -9.95
N VAL D 141 17.53 57.68 -9.61
CA VAL D 141 16.94 56.48 -10.19
C VAL D 141 16.32 55.65 -9.07
N ALA D 142 15.32 54.87 -9.44
CA ALA D 142 14.64 53.96 -8.51
C ALA D 142 15.22 52.57 -8.66
N VAL D 143 15.48 51.92 -7.53
CA VAL D 143 16.07 50.59 -7.50
C VAL D 143 15.03 49.62 -6.96
N LEU D 144 14.68 48.61 -7.76
CA LEU D 144 13.74 47.58 -7.38
C LEU D 144 14.47 46.25 -7.27
N LEU D 145 14.19 45.50 -6.21
CA LEU D 145 14.83 44.22 -5.95
C LEU D 145 13.81 43.10 -6.08
N MET D 146 14.17 42.07 -6.85
CA MET D 146 13.27 40.97 -7.15
C MET D 146 13.89 39.65 -6.70
N ASP D 147 13.03 38.74 -6.23
CA ASP D 147 13.43 37.38 -5.86
C ASP D 147 12.58 36.42 -6.69
N THR D 148 13.21 35.75 -7.65
CA THR D 148 12.53 34.82 -8.54
C THR D 148 12.86 33.40 -8.13
N GLN D 149 11.83 32.58 -7.97
CA GLN D 149 11.99 31.25 -7.40
C GLN D 149 11.17 30.24 -8.21
N GLY D 150 11.80 29.11 -8.52
CA GLY D 150 11.16 28.04 -9.25
C GLY D 150 12.14 26.95 -9.60
N THR D 151 11.65 25.75 -9.87
CA THR D 151 12.48 24.61 -10.21
C THR D 151 12.12 24.05 -11.58
N PHE D 152 13.13 23.52 -12.26
CA PHE D 152 13.00 22.86 -13.54
C PHE D 152 13.28 21.37 -13.43
N ASP D 153 12.93 20.77 -12.29
CA ASP D 153 13.29 19.38 -12.01
C ASP D 153 12.58 18.43 -12.96
N SER D 154 11.25 18.46 -12.96
CA SER D 154 10.44 17.55 -13.75
C SER D 154 9.84 18.25 -14.96
N GLN D 155 9.37 17.44 -15.91
CA GLN D 155 8.70 17.97 -17.09
C GLN D 155 7.32 18.52 -16.76
N SER D 156 6.78 18.21 -15.58
CA SER D 156 5.45 18.68 -15.21
C SER D 156 5.48 20.14 -14.76
N THR D 157 6.42 20.48 -13.89
CA THR D 157 6.55 21.84 -13.38
C THR D 157 7.40 22.73 -14.30
N LEU D 158 7.62 22.31 -15.54
CA LEU D 158 8.52 23.03 -16.43
C LEU D 158 7.86 24.29 -16.99
N ARG D 159 6.60 24.19 -17.40
CA ARG D 159 5.92 25.34 -18.00
C ARG D 159 5.69 26.45 -16.98
N ASP D 160 5.33 26.09 -15.74
CA ASP D 160 5.07 27.09 -14.71
C ASP D 160 6.32 27.91 -14.41
N SER D 161 7.45 27.22 -14.18
CA SER D 161 8.68 27.93 -13.83
C SER D 161 9.24 28.72 -15.01
N ALA D 162 9.03 28.23 -16.23
CA ALA D 162 9.51 28.97 -17.40
C ALA D 162 8.80 30.32 -17.54
N THR D 163 7.48 30.34 -17.31
CA THR D 163 6.75 31.59 -17.38
C THR D 163 7.18 32.56 -16.30
N VAL D 164 7.37 32.06 -15.07
CA VAL D 164 7.79 32.93 -13.97
C VAL D 164 9.16 33.52 -14.25
N PHE D 165 10.11 32.67 -14.65
CA PHE D 165 11.46 33.16 -14.96
C PHE D 165 11.47 34.05 -16.19
N ALA D 166 10.58 33.78 -17.16
CA ALA D 166 10.45 34.68 -18.31
C ALA D 166 10.02 36.07 -17.87
N LEU D 167 8.94 36.16 -17.09
CA LEU D 167 8.47 37.45 -16.60
C LEU D 167 9.55 38.15 -15.78
N SER D 168 10.30 37.39 -14.99
CA SER D 168 11.43 37.96 -14.26
C SER D 168 12.44 38.58 -15.20
N THR D 169 12.80 37.87 -16.27
CA THR D 169 13.76 38.38 -17.23
C THR D 169 13.22 39.59 -17.98
N MET D 170 11.91 39.62 -18.24
CA MET D 170 11.33 40.71 -19.02
C MET D 170 11.25 42.00 -18.20
N ILE D 171 11.09 41.91 -16.88
CA ILE D 171 10.94 43.10 -16.05
C ILE D 171 12.29 43.58 -15.54
N SER D 172 13.17 42.65 -15.16
CA SER D 172 14.45 43.04 -14.58
C SER D 172 15.40 43.59 -15.63
N SER D 173 16.25 44.52 -15.20
CA SER D 173 17.34 45.01 -16.03
C SER D 173 18.63 44.23 -15.83
N ILE D 174 18.77 43.54 -14.68
CA ILE D 174 19.87 42.64 -14.42
C ILE D 174 19.28 41.34 -13.87
N GLN D 175 19.63 40.21 -14.49
CA GLN D 175 19.13 38.90 -14.09
C GLN D 175 20.29 38.08 -13.55
N VAL D 176 20.27 37.80 -12.25
CA VAL D 176 21.32 37.05 -11.58
C VAL D 176 20.86 35.60 -11.50
N TYR D 177 21.41 34.77 -12.39
CA TYR D 177 21.09 33.34 -12.45
C TYR D 177 21.85 32.64 -11.32
N ASN D 178 21.13 32.28 -10.25
CA ASN D 178 21.75 31.74 -9.04
C ASN D 178 21.88 30.24 -9.17
N LEU D 179 23.05 29.78 -9.59
CA LEU D 179 23.34 28.36 -9.74
C LEU D 179 24.28 27.87 -8.64
N SER D 180 24.27 26.56 -8.42
CA SER D 180 25.04 25.94 -7.36
C SER D 180 26.18 25.11 -7.94
N GLN D 181 27.39 25.32 -7.41
CA GLN D 181 28.60 24.57 -7.74
C GLN D 181 29.12 24.73 -9.17
N ASN D 182 28.24 24.78 -10.18
CA ASN D 182 28.72 24.85 -11.55
C ASN D 182 27.58 25.29 -12.47
N VAL D 183 27.96 25.59 -13.71
CA VAL D 183 27.01 25.90 -14.78
C VAL D 183 26.97 24.68 -15.68
N GLN D 184 25.93 23.87 -15.54
CA GLN D 184 25.79 22.62 -16.29
C GLN D 184 24.91 22.82 -17.52
N GLU D 185 24.92 21.81 -18.38
CA GLU D 185 24.19 21.91 -19.65
C GLU D 185 22.69 22.09 -19.44
N ASP D 186 22.11 21.36 -18.48
CA ASP D 186 20.69 21.54 -18.21
C ASP D 186 20.39 22.95 -17.70
N ASP D 187 21.34 23.56 -16.99
CA ASP D 187 21.17 24.96 -16.59
C ASP D 187 21.04 25.87 -17.80
N LEU D 188 21.84 25.62 -18.83
CA LEU D 188 21.77 26.43 -20.04
C LEU D 188 20.50 26.13 -20.84
N GLN D 189 20.07 24.87 -20.85
CA GLN D 189 18.82 24.51 -21.52
C GLN D 189 17.64 25.24 -20.90
N HIS D 190 17.58 25.27 -19.56
CA HIS D 190 16.50 25.99 -18.88
C HIS D 190 16.60 27.48 -19.14
N LEU D 191 17.81 28.04 -19.13
CA LEU D 191 18.00 29.44 -19.48
C LEU D 191 17.45 29.72 -20.87
N GLN D 192 17.77 28.86 -21.84
CA GLN D 192 17.21 29.00 -23.17
C GLN D 192 15.69 28.85 -23.15
N LEU D 193 15.15 28.05 -22.23
CA LEU D 193 13.72 27.79 -22.21
C LEU D 193 12.92 29.04 -21.86
N PHE D 194 13.23 29.67 -20.70
CA PHE D 194 12.40 30.79 -20.28
C PHE D 194 12.77 32.10 -20.98
N THR D 195 13.97 32.21 -21.54
CA THR D 195 14.25 33.36 -22.39
C THR D 195 13.49 33.30 -23.70
N GLU D 196 13.26 32.08 -24.22
CA GLU D 196 12.46 31.94 -25.44
C GLU D 196 10.99 32.21 -25.15
N TYR D 197 10.51 31.80 -23.98
CA TYR D 197 9.16 32.18 -23.55
C TYR D 197 9.00 33.69 -23.55
N GLY D 198 9.99 34.41 -22.99
CA GLY D 198 9.92 35.86 -22.97
C GLY D 198 9.93 36.47 -24.35
N ARG D 199 10.74 35.92 -25.26
CA ARG D 199 10.80 36.44 -26.62
C ARG D 199 9.44 36.37 -27.32
N LEU D 200 8.71 35.28 -27.11
CA LEU D 200 7.44 35.08 -27.80
C LEU D 200 6.34 36.01 -27.30
N ALA D 201 6.49 36.59 -26.11
CA ALA D 201 5.49 37.51 -25.57
C ALA D 201 5.88 38.97 -25.71
N MET D 202 7.16 39.28 -25.86
CA MET D 202 7.60 40.66 -25.99
C MET D 202 7.30 41.20 -27.38
N GLU D 203 7.43 42.53 -27.51
CA GLU D 203 7.38 43.15 -28.82
C GLU D 203 8.62 42.75 -29.62
N GLU D 204 8.45 42.65 -30.93
CA GLU D 204 9.58 42.33 -31.79
C GLU D 204 10.63 43.43 -31.67
N THR D 205 11.88 43.03 -31.53
CA THR D 205 12.97 43.96 -31.31
C THR D 205 14.04 43.78 -32.39
N PHE D 206 14.55 44.90 -32.89
CA PHE D 206 15.62 44.86 -33.87
C PHE D 206 16.96 44.52 -33.20
N LEU D 207 17.19 45.05 -32.01
CA LEU D 207 18.35 44.72 -31.20
C LEU D 207 18.01 43.53 -30.31
N LYS D 208 18.84 43.28 -29.30
CA LYS D 208 18.61 42.14 -28.42
C LYS D 208 17.51 42.46 -27.42
N PRO D 209 16.73 41.45 -27.01
CA PRO D 209 15.53 41.72 -26.20
C PRO D 209 15.83 42.07 -24.75
N PHE D 210 16.88 41.50 -24.17
CA PHE D 210 17.21 41.72 -22.77
C PHE D 210 18.58 42.41 -22.66
N GLN D 211 18.91 42.81 -21.43
CA GLN D 211 20.08 43.64 -21.18
C GLN D 211 21.21 42.85 -20.55
N SER D 212 21.11 42.51 -19.26
CA SER D 212 22.24 41.97 -18.50
C SER D 212 21.86 40.64 -17.87
N LEU D 213 22.65 39.61 -18.17
CA LEU D 213 22.56 38.30 -17.52
C LEU D 213 23.85 38.05 -16.75
N ILE D 214 23.73 37.45 -15.56
CA ILE D 214 24.88 37.19 -14.71
C ILE D 214 24.76 35.77 -14.15
N PHE D 215 25.77 34.93 -14.41
CA PHE D 215 25.84 33.60 -13.83
C PHE D 215 26.53 33.71 -12.47
N LEU D 216 25.76 33.52 -11.39
CA LEU D 216 26.30 33.51 -10.03
C LEU D 216 26.44 32.05 -9.59
N VAL D 217 27.66 31.55 -9.63
CA VAL D 217 27.96 30.19 -9.18
C VAL D 217 28.23 30.24 -7.68
N ARG D 218 27.37 29.56 -6.91
CA ARG D 218 27.26 29.88 -5.49
C ARG D 218 28.32 29.19 -4.63
N ASP D 219 28.59 27.91 -4.88
CA ASP D 219 29.57 27.22 -4.03
C ASP D 219 30.78 26.78 -4.85
N TRP D 220 31.47 27.75 -5.44
CA TRP D 220 32.61 27.45 -6.30
C TRP D 220 33.73 26.85 -5.46
N SER D 221 34.20 25.66 -5.83
CA SER D 221 35.19 24.92 -5.05
C SER D 221 36.46 24.64 -5.85
N PHE D 222 36.69 25.35 -6.94
CA PHE D 222 37.89 25.18 -7.76
C PHE D 222 38.56 26.53 -8.02
N PRO D 223 39.04 27.21 -6.97
CA PRO D 223 39.74 28.48 -7.19
C PRO D 223 41.11 28.31 -7.83
N TYR D 224 41.64 27.09 -7.88
CA TYR D 224 42.91 26.80 -8.54
C TYR D 224 42.76 26.66 -10.05
N GLU D 225 41.54 26.63 -10.56
CA GLU D 225 41.29 26.68 -12.00
C GLU D 225 40.80 28.05 -12.44
N PHE D 226 39.81 28.61 -11.74
CA PHE D 226 39.34 29.96 -11.97
C PHE D 226 39.15 30.62 -10.61
N SER D 227 39.76 31.80 -10.44
CA SER D 227 39.73 32.48 -9.15
C SER D 227 38.32 32.92 -8.80
N TYR D 228 38.07 33.07 -7.50
CA TYR D 228 36.80 33.64 -7.05
C TYR D 228 36.63 35.04 -7.62
N GLY D 229 35.40 35.40 -7.95
CA GLY D 229 35.07 36.74 -8.37
C GLY D 229 34.63 36.84 -9.81
N ALA D 230 34.73 38.05 -10.35
CA ALA D 230 34.26 38.32 -11.69
C ALA D 230 35.29 37.97 -12.75
N ASP D 231 36.57 38.20 -12.46
CA ASP D 231 37.62 37.88 -13.43
C ASP D 231 37.72 36.38 -13.65
N GLY D 232 37.77 35.61 -12.56
CA GLY D 232 37.74 34.16 -12.70
C GLY D 232 36.46 33.67 -13.34
N GLY D 233 35.33 34.28 -12.99
CA GLY D 233 34.07 33.92 -13.61
C GLY D 233 34.03 34.24 -15.09
N ALA D 234 34.68 35.32 -15.50
CA ALA D 234 34.71 35.68 -16.91
C ALA D 234 35.49 34.65 -17.72
N LYS D 235 36.67 34.25 -17.21
CA LYS D 235 37.44 33.22 -17.88
C LYS D 235 36.73 31.87 -17.85
N PHE D 236 36.06 31.56 -16.73
CA PHE D 236 35.28 30.34 -16.63
C PHE D 236 34.15 30.32 -17.66
N LEU D 237 33.37 31.40 -17.69
CA LEU D 237 32.24 31.47 -18.62
C LEU D 237 32.72 31.52 -20.07
N GLU D 238 33.90 32.07 -20.33
CA GLU D 238 34.45 32.05 -21.68
C GLU D 238 34.62 30.63 -22.18
N LYS D 239 35.21 29.76 -21.36
CA LYS D 239 35.37 28.36 -21.75
C LYS D 239 34.02 27.66 -21.85
N ARG D 240 33.09 28.01 -20.96
CA ARG D 240 31.78 27.35 -20.95
C ARG D 240 30.98 27.68 -22.20
N LEU D 241 30.78 28.96 -22.48
CA LEU D 241 29.94 29.40 -23.58
C LEU D 241 30.67 29.45 -24.92
N LYS D 242 31.90 28.95 -24.98
CA LYS D 242 32.61 28.89 -26.26
C LYS D 242 31.92 27.90 -27.20
N VAL D 243 31.84 28.28 -28.47
CA VAL D 243 31.27 27.44 -29.52
C VAL D 243 32.40 26.85 -30.34
N SER D 244 32.41 25.52 -30.49
CA SER D 244 33.47 24.84 -31.20
C SER D 244 32.89 23.92 -32.26
N GLY D 245 33.70 23.64 -33.28
CA GLY D 245 33.24 22.78 -34.37
C GLY D 245 33.09 21.32 -33.99
N ASN D 246 33.82 20.87 -32.96
CA ASN D 246 33.71 19.49 -32.51
C ASN D 246 32.62 19.29 -31.47
N GLN D 247 31.97 20.36 -31.02
CA GLN D 247 30.85 20.24 -30.09
C GLN D 247 29.64 19.65 -30.79
N HIS D 248 28.76 19.03 -30.00
CA HIS D 248 27.52 18.52 -30.53
C HIS D 248 26.63 19.69 -30.99
N GLU D 249 25.70 19.37 -31.90
CA GLU D 249 24.84 20.42 -32.47
C GLU D 249 24.00 21.10 -31.40
N GLU D 250 23.41 20.31 -30.49
CA GLU D 250 22.60 20.91 -29.42
C GLU D 250 23.45 21.76 -28.50
N LEU D 251 24.75 21.47 -28.40
CA LEU D 251 25.62 22.21 -27.50
C LEU D 251 25.90 23.60 -28.02
N GLN D 252 26.02 23.75 -29.35
CA GLN D 252 26.29 25.05 -29.95
C GLN D 252 25.04 25.92 -29.99
N ASN D 253 23.88 25.31 -30.25
CA ASN D 253 22.67 26.10 -30.48
C ASN D 253 22.18 26.81 -29.23
N VAL D 254 22.36 26.20 -28.05
CA VAL D 254 21.95 26.88 -26.82
C VAL D 254 22.88 28.05 -26.52
N ARG D 255 24.14 27.95 -26.93
CA ARG D 255 25.09 29.03 -26.69
C ARG D 255 24.87 30.19 -27.65
N LYS D 256 24.58 29.89 -28.91
CA LYS D 256 24.19 30.93 -29.86
C LYS D 256 22.92 31.64 -29.40
N HIS D 257 22.00 30.90 -28.80
CA HIS D 257 20.73 31.48 -28.34
C HIS D 257 20.95 32.41 -27.17
N ILE D 258 21.76 31.98 -26.18
CA ILE D 258 21.94 32.78 -24.97
C ILE D 258 22.60 34.12 -25.29
N HIS D 259 23.59 34.11 -26.18
CA HIS D 259 24.26 35.35 -26.53
C HIS D 259 23.34 36.29 -27.29
N SER D 260 22.41 35.75 -28.08
CA SER D 260 21.49 36.59 -28.85
C SER D 260 20.41 37.24 -27.98
N CYS D 261 20.28 36.85 -26.72
CA CYS D 261 19.23 37.35 -25.85
C CYS D 261 19.69 38.49 -24.94
N PHE D 262 20.98 38.57 -24.63
CA PHE D 262 21.48 39.55 -23.68
C PHE D 262 22.62 40.33 -24.31
N THR D 263 22.57 41.66 -24.18
CA THR D 263 23.65 42.49 -24.71
C THR D 263 24.94 42.28 -23.92
N ASN D 264 24.83 42.01 -22.62
CA ASN D 264 25.99 41.74 -21.77
C ASN D 264 25.73 40.48 -20.96
N ILE D 265 26.75 39.62 -20.87
CA ILE D 265 26.69 38.40 -20.09
C ILE D 265 27.95 38.31 -19.22
N SER D 266 27.76 38.14 -17.92
CA SER D 266 28.87 38.10 -16.97
C SER D 266 28.75 36.86 -16.09
N CYS D 267 29.77 36.64 -15.27
CA CYS D 267 29.80 35.50 -14.38
C CYS D 267 30.64 35.84 -13.16
N PHE D 268 30.14 35.47 -11.98
CA PHE D 268 30.82 35.72 -10.71
C PHE D 268 30.90 34.41 -9.94
N LEU D 269 32.11 33.98 -9.61
CA LEU D 269 32.32 32.75 -8.86
C LEU D 269 32.41 33.09 -7.37
N LEU D 270 31.37 32.70 -6.61
CA LEU D 270 31.30 33.00 -5.19
C LEU D 270 31.73 31.78 -4.39
N PRO D 271 32.56 31.95 -3.37
CA PRO D 271 32.98 30.81 -2.54
C PRO D 271 31.88 30.40 -1.58
N HIS D 272 32.15 29.30 -0.85
CA HIS D 272 31.26 28.71 0.14
C HIS D 272 31.28 29.55 1.43
N PRO D 273 30.11 29.78 2.04
CA PRO D 273 30.05 30.66 3.22
C PRO D 273 30.46 29.99 4.52
N GLY D 274 30.72 28.69 4.52
CA GLY D 274 31.03 27.97 5.74
C GLY D 274 29.87 27.08 6.18
N LEU D 275 30.20 26.15 7.08
CA LEU D 275 29.21 25.16 7.49
C LEU D 275 28.17 25.72 8.44
N LYS D 276 28.50 26.78 9.20
CA LYS D 276 27.51 27.39 10.07
C LYS D 276 26.39 28.05 9.27
N VAL D 277 26.74 28.73 8.17
CA VAL D 277 25.72 29.31 7.31
C VAL D 277 24.96 28.22 6.56
N ALA D 278 25.68 27.18 6.12
CA ALA D 278 25.08 26.18 5.23
C ALA D 278 24.08 25.29 5.96
N THR D 279 24.28 25.04 7.25
CA THR D 279 23.45 24.13 8.01
C THR D 279 22.44 24.82 8.92
N ASN D 280 22.40 26.15 8.91
CA ASN D 280 21.46 26.93 9.72
C ASN D 280 20.35 27.42 8.80
N PRO D 281 19.07 27.12 9.09
CA PRO D 281 18.00 27.59 8.19
C PRO D 281 17.79 29.09 8.22
N ASN D 282 18.00 29.74 9.36
CA ASN D 282 17.78 31.18 9.52
C ASN D 282 19.01 31.68 10.26
N PHE D 283 20.11 31.89 9.51
CA PHE D 283 21.39 32.16 10.11
C PHE D 283 21.37 33.49 10.86
N ASP D 284 21.69 33.45 12.16
CA ASP D 284 21.68 34.62 13.02
C ASP D 284 23.01 34.81 13.75
N GLY D 285 24.04 34.06 13.38
CA GLY D 285 25.31 34.13 14.06
C GLY D 285 26.09 35.39 13.72
N LYS D 286 27.28 35.48 14.31
CA LYS D 286 28.14 36.62 14.11
C LYS D 286 28.68 36.62 12.68
N LEU D 287 29.03 37.82 12.21
CA LEU D 287 29.61 37.94 10.87
C LEU D 287 30.94 37.20 10.76
N LYS D 288 31.69 37.11 11.88
CA LYS D 288 32.93 36.37 11.89
C LYS D 288 32.70 34.88 11.61
N GLU D 289 31.51 34.37 11.94
CA GLU D 289 31.21 32.95 11.74
C GLU D 289 30.93 32.63 10.28
N ILE D 290 30.87 33.63 9.41
CA ILE D 290 30.83 33.43 7.97
C ILE D 290 32.26 33.38 7.45
N ASP D 291 32.50 32.52 6.46
CA ASP D 291 33.85 32.35 5.95
C ASP D 291 34.41 33.66 5.44
N ASP D 292 35.69 33.91 5.75
CA ASP D 292 36.28 35.21 5.42
C ASP D 292 36.37 35.42 3.91
N GLU D 293 36.73 34.36 3.17
CA GLU D 293 36.79 34.49 1.71
C GLU D 293 35.41 34.79 1.12
N PHE D 294 34.36 34.26 1.74
CA PHE D 294 33.00 34.55 1.27
C PHE D 294 32.69 36.04 1.47
N ILE D 295 32.97 36.57 2.66
CA ILE D 295 32.71 37.98 2.93
C ILE D 295 33.56 38.85 2.01
N LYS D 296 34.82 38.45 1.79
CA LYS D 296 35.73 39.22 0.94
C LYS D 296 35.17 39.37 -0.47
N ASN D 297 34.67 38.27 -1.04
CA ASN D 297 34.11 38.33 -2.38
C ASN D 297 32.69 38.89 -2.39
N LEU D 298 31.95 38.71 -1.29
CA LEU D 298 30.64 39.33 -1.19
C LEU D 298 30.76 40.84 -1.14
N LYS D 299 31.81 41.36 -0.48
CA LYS D 299 32.05 42.79 -0.42
C LYS D 299 32.28 43.41 -1.80
N ILE D 300 32.71 42.60 -2.77
CA ILE D 300 32.90 43.10 -4.12
C ILE D 300 31.80 42.65 -5.08
N LEU D 301 31.02 41.62 -4.71
CA LEU D 301 29.91 41.20 -5.55
C LEU D 301 28.76 42.20 -5.49
N ILE D 302 28.38 42.61 -4.28
CA ILE D 302 27.19 43.46 -4.13
C ILE D 302 27.37 44.81 -4.81
N PRO D 303 28.45 45.57 -4.58
CA PRO D 303 28.61 46.82 -5.32
C PRO D 303 28.81 46.60 -6.82
N TRP D 304 29.42 45.49 -7.21
CA TRP D 304 29.50 45.14 -8.63
C TRP D 304 28.13 45.11 -9.28
N LEU D 305 27.09 44.83 -8.50
CA LEU D 305 25.71 44.81 -8.96
C LEU D 305 25.00 46.13 -8.75
N LEU D 306 25.22 46.79 -7.61
CA LEU D 306 24.33 47.86 -7.14
C LEU D 306 25.03 49.19 -6.90
N SER D 307 26.30 49.32 -7.28
CA SER D 307 26.97 50.60 -7.15
C SER D 307 26.32 51.61 -8.10
N PRO D 308 26.28 52.89 -7.73
CA PRO D 308 25.62 53.88 -8.60
C PRO D 308 26.16 53.88 -10.01
N GLU D 309 27.42 53.49 -10.20
CA GLU D 309 27.99 53.39 -11.53
C GLU D 309 27.48 52.16 -12.28
N SER D 310 27.19 51.08 -11.56
CA SER D 310 26.74 49.83 -12.16
C SER D 310 25.24 49.75 -12.34
N LEU D 311 24.49 50.77 -11.92
CA LEU D 311 23.03 50.76 -12.06
C LEU D 311 22.67 50.98 -13.53
N ASP D 312 22.07 49.97 -14.15
CA ASP D 312 21.62 50.06 -15.54
C ASP D 312 20.12 50.31 -15.55
N ILE D 313 19.70 51.38 -16.22
CA ILE D 313 18.28 51.68 -16.33
C ILE D 313 17.59 50.61 -17.16
N LYS D 314 16.47 50.10 -16.65
CA LYS D 314 15.70 49.12 -17.42
C LYS D 314 15.15 49.78 -18.69
N GLU D 315 15.39 49.13 -19.83
CA GLU D 315 14.86 49.63 -21.09
C GLU D 315 14.22 48.48 -21.87
N ILE D 316 13.07 48.76 -22.47
CA ILE D 316 12.33 47.80 -23.28
C ILE D 316 12.11 48.42 -24.65
N ASN D 317 12.57 47.72 -25.70
CA ASN D 317 12.46 48.19 -27.08
C ASN D 317 13.17 49.52 -27.28
N GLY D 318 14.21 49.78 -26.49
CA GLY D 318 15.02 50.97 -26.65
C GLY D 318 14.58 52.17 -25.83
N ASN D 319 13.53 52.06 -25.04
CA ASN D 319 13.01 53.16 -24.23
C ASN D 319 13.35 52.91 -22.77
N LYS D 320 13.96 53.91 -22.13
CA LYS D 320 14.19 53.81 -20.69
C LYS D 320 12.85 53.77 -19.96
N ILE D 321 12.68 52.77 -19.11
CA ILE D 321 11.40 52.49 -18.47
C ILE D 321 11.37 53.15 -17.12
N THR D 322 10.22 53.72 -16.77
CA THR D 322 9.97 54.30 -15.45
C THR D 322 9.25 53.29 -14.57
N CYS D 323 9.15 53.63 -13.28
CA CYS D 323 8.44 52.76 -12.34
C CYS D 323 7.00 52.54 -12.78
N ARG D 324 6.31 53.62 -13.16
CA ARG D 324 4.94 53.49 -13.66
C ARG D 324 4.90 52.64 -14.92
N GLY D 325 5.85 52.85 -15.83
CA GLY D 325 5.87 52.07 -17.06
C GLY D 325 6.17 50.60 -16.83
N LEU D 326 7.00 50.29 -15.84
CA LEU D 326 7.32 48.90 -15.55
C LEU D 326 6.08 48.12 -15.09
N VAL D 327 5.21 48.77 -14.32
CA VAL D 327 3.96 48.13 -13.93
C VAL D 327 3.07 47.91 -15.15
N GLU D 328 3.05 48.88 -16.06
CA GLU D 328 2.24 48.74 -17.27
C GLU D 328 2.71 47.54 -18.10
N TYR D 329 4.02 47.37 -18.24
CA TYR D 329 4.55 46.23 -18.98
C TYR D 329 4.29 44.92 -18.24
N PHE D 330 4.37 44.94 -16.91
CA PHE D 330 4.10 43.74 -16.12
C PHE D 330 2.65 43.28 -16.32
N LYS D 331 1.70 44.22 -16.29
CA LYS D 331 0.31 43.86 -16.53
C LYS D 331 0.09 43.35 -17.94
N ALA D 332 0.76 43.98 -18.92
CA ALA D 332 0.58 43.56 -20.31
C ALA D 332 1.20 42.20 -20.56
N TYR D 333 2.40 41.96 -20.04
CA TYR D 333 3.06 40.67 -20.24
C TYR D 333 2.28 39.53 -19.59
N ILE D 334 1.80 39.74 -18.36
CA ILE D 334 1.09 38.68 -17.66
C ILE D 334 -0.23 38.37 -18.35
N LYS D 335 -0.86 39.35 -18.99
CA LYS D 335 -2.12 39.10 -19.68
C LYS D 335 -1.92 38.26 -20.93
N ILE D 336 -0.75 38.35 -21.56
CA ILE D 336 -0.50 37.54 -22.75
C ILE D 336 -0.42 36.07 -22.40
N TYR D 337 0.20 35.73 -21.26
CA TYR D 337 0.35 34.35 -20.85
C TYR D 337 -0.95 33.75 -20.31
N GLN D 338 -1.99 34.55 -20.12
CA GLN D 338 -3.27 34.05 -19.63
C GLN D 338 -4.29 33.87 -20.74
N GLY D 339 -4.52 34.91 -21.53
CA GLY D 339 -5.48 34.85 -22.63
C GLY D 339 -5.62 36.14 -23.39
PB GDP E . 35.72 12.34 -7.90
O1B GDP E . 35.64 12.25 -9.40
O2B GDP E . 34.36 12.67 -7.36
O3B GDP E . 36.17 11.02 -7.32
O3A GDP E . 36.78 13.49 -7.51
PA GDP E . 37.29 13.74 -6.00
O1A GDP E . 38.63 13.12 -5.78
O2A GDP E . 36.31 13.23 -4.98
O5' GDP E . 37.38 15.34 -5.95
C5' GDP E . 36.31 16.07 -5.36
C4' GDP E . 36.83 17.37 -4.78
O4' GDP E . 35.91 17.78 -3.77
C3' GDP E . 38.17 17.17 -4.10
O3' GDP E . 38.89 18.40 -4.10
C2' GDP E . 37.79 16.81 -2.68
O2' GDP E . 38.77 17.31 -1.77
C1' GDP E . 36.45 17.52 -2.48
N9 GDP E . 35.51 16.65 -1.75
C8 GDP E . 35.67 15.35 -1.44
N7 GDP E . 34.58 14.86 -0.78
C5 GDP E . 33.69 15.87 -0.69
C6 GDP E . 32.34 16.05 -0.13
O6 GDP E . 31.75 15.11 0.44
N1 GDP E . 31.77 17.26 -0.24
C2 GDP E . 32.38 18.30 -0.84
N2 GDP E . 31.74 19.48 -0.92
N3 GDP E . 33.62 18.20 -1.38
C4 GDP E . 34.30 17.03 -1.34
MG MG F . 36.69 8.42 -9.70
PB GDP G . -12.79 -13.13 13.90
O1B GDP G . -11.32 -12.97 14.21
O2B GDP G . -12.95 -13.88 12.59
O3B GDP G . -13.43 -11.77 13.80
O3A GDP G . -13.50 -13.98 15.06
PA GDP G . -13.54 -13.44 16.58
O1A GDP G . -13.55 -11.93 16.64
O2A GDP G . -12.39 -14.02 17.38
O5' GDP G . -14.93 -14.04 17.12
C5' GDP G . -16.04 -13.18 17.36
C4' GDP G . -16.93 -13.80 18.42
O4' GDP G . -17.09 -15.19 18.16
C3' GDP G . -16.28 -13.69 19.79
O3' GDP G . -17.25 -13.22 20.73
C2' GDP G . -15.85 -15.10 20.13
O2' GDP G . -15.99 -15.36 21.54
C1' GDP G . -16.79 -15.96 19.33
N9 GDP G . -16.15 -17.24 18.95
C8 GDP G . -14.83 -17.50 18.93
N7 GDP G . -14.59 -18.77 18.53
C5 GDP G . -15.78 -19.34 18.27
C6 GDP G . -16.27 -20.66 17.79
O6 GDP G . -15.47 -21.59 17.54
N1 GDP G . -17.60 -20.83 17.66
C2 GDP G . -18.48 -19.86 17.93
N2 GDP G . -19.81 -20.10 17.77
N3 GDP G . -18.10 -18.63 18.36
C4 GDP G . -16.80 -18.32 18.55
MG MG H . -9.15 -11.37 12.26
PB GDP I . -34.35 -29.62 10.32
O1B GDP I . -33.86 -28.23 10.61
O2B GDP I . -34.00 -30.00 8.90
O3B GDP I . -35.85 -29.68 10.50
O3A GDP I . -33.64 -30.67 11.31
PA GDP I . -33.69 -30.49 12.92
O1A GDP I . -34.06 -29.09 13.31
O2A GDP I . -34.62 -31.49 13.56
O5' GDP I . -32.16 -30.82 13.30
C5' GDP I . -31.29 -29.76 13.67
C4' GDP I . -30.23 -30.29 14.61
O4' GDP I . -29.66 -29.15 15.24
C3' GDP I . -30.84 -31.14 15.71
O3' GDP I . -29.88 -32.09 16.18
C2' GDP I . -31.12 -30.16 16.82
O2' GDP I . -30.86 -30.76 18.09
C1' GDP I . -30.14 -29.03 16.57
N9 GDP I . -30.83 -27.73 16.70
C8 GDP I . -32.16 -27.52 16.75
N7 GDP I . -32.45 -26.20 16.86
C5 GDP I . -31.26 -25.54 16.86
C6 GDP I . -30.83 -24.13 16.94
O6 GDP I . -31.68 -23.21 17.05
N1 GDP I . -29.52 -23.87 16.91
C2 GDP I . -28.59 -24.84 16.81
N2 GDP I . -27.28 -24.51 16.79
N3 GDP I . -28.92 -26.16 16.74
C4 GDP I . -30.21 -26.55 16.75
MG MG J . -37.70 -30.70 8.49
PB GDP K . 16.37 30.57 -0.61
O1B GDP K . 17.71 30.34 -1.26
O2B GDP K . 15.83 31.93 -0.98
O3B GDP K . 15.40 29.52 -1.11
O3A GDP K . 16.46 30.44 0.98
PA GDP K . 17.84 30.65 1.79
O1A GDP K . 18.89 31.30 0.94
O2A GDP K . 17.60 31.49 3.04
O5' GDP K . 18.24 29.16 2.21
C5' GDP K . 19.57 28.71 1.93
C4' GDP K . 20.09 27.88 3.09
O4' GDP K . 21.43 27.57 2.77
C3' GDP K . 20.13 28.68 4.37
O3' GDP K . 20.08 27.80 5.49
C2' GDP K . 21.50 29.34 4.35
O2' GDP K . 22.03 29.42 5.67
C1' GDP K . 22.33 28.41 3.49
N9 GDP K . 23.12 29.20 2.52
C8 GDP K . 22.94 30.49 2.21
N7 GDP K . 23.83 30.88 1.25
C5 GDP K . 24.58 29.81 0.94
C6 GDP K . 25.70 29.50 0.01
O6 GDP K . 26.16 30.40 -0.73
N1 GDP K . 26.18 28.26 0.00
C2 GDP K . 25.69 27.29 0.79
N2 GDP K . 26.23 26.04 0.72
N3 GDP K . 24.67 27.49 1.66
C4 GDP K . 24.09 28.70 1.77
MG MG L . 12.29 32.60 -0.75
#